data_3ZYC
#
_entry.id   3ZYC
#
_cell.length_a   44.151
_cell.length_b   82.635
_cell.length_c   95.014
_cell.angle_alpha   90.00
_cell.angle_beta   96.68
_cell.angle_gamma   90.00
#
_symmetry.space_group_name_H-M   'P 1 21 1'
#
loop_
_entity.id
_entity.type
_entity.pdbx_description
1 polymer DYNAMIN-1
2 non-polymer 'PHOSPHOMETHYLPHOSPHONIC ACID GUANYLATE ESTER'
3 non-polymer 'MAGNESIUM ION'
4 water water
#
_entity_poly.entity_id   1
_entity_poly.type   'polypeptide(L)'
_entity_poly.pdbx_seq_one_letter_code
;GPEFSMEDLIPLVNRLQDAFSAIGQNADLDLPQIAVVGGQSAGKSSVLENFVGRDFLPRGSGIVTRRPLVLQLVNATTEY
AEFLHCKGKKFTDFEEVRLEIEAETDRVTGTNKGISPVPINLRVYSPHVLNLTLVDLPGMTKVPVGDQPPDIEFQIRDML
MQFVTKENCLILAVSPANSDLANSDALKVAKEVDPQGQRTIGVITKLDLMDEGTDARDVLENKLLPLRRGYIGVVNRSQK
DIDGKKDITAALAAERKFFLSHPSYRHLADRMGTPYLQKVLNQQLTNHIRDTLPGLRNKLQSQLLSIEKEVEEYKNFRPD
KHGTDSRVDEMLRMYHALKEALSIIGNINTTTV
;
_entity_poly.pdbx_strand_id   A,D
#
# COMPACT_ATOMS: atom_id res chain seq x y z
N SER A 5 -16.60 34.71 -10.25
CA SER A 5 -16.41 34.66 -11.69
C SER A 5 -17.03 33.40 -12.30
N MET A 6 -16.80 32.26 -11.65
CA MET A 6 -17.34 30.99 -12.13
C MET A 6 -18.86 31.05 -12.25
N GLU A 7 -19.50 31.76 -11.33
CA GLU A 7 -20.96 31.90 -11.34
C GLU A 7 -21.46 32.64 -12.56
N ASP A 8 -20.58 33.40 -13.21
CA ASP A 8 -20.95 34.17 -14.40
C ASP A 8 -20.74 33.37 -15.67
N LEU A 9 -19.68 32.58 -15.69
CA LEU A 9 -19.33 31.75 -16.84
C LEU A 9 -20.32 30.60 -17.01
N ILE A 10 -20.61 29.89 -15.92
CA ILE A 10 -21.52 28.74 -15.95
C ILE A 10 -22.83 29.00 -16.71
N PRO A 11 -23.61 30.02 -16.31
CA PRO A 11 -24.87 30.31 -17.00
C PRO A 11 -24.69 30.68 -18.48
N LEU A 12 -23.56 31.29 -18.82
CA LEU A 12 -23.31 31.65 -20.22
C LEU A 12 -23.06 30.40 -21.04
N VAL A 13 -22.33 29.45 -20.48
CA VAL A 13 -22.01 28.19 -21.16
C VAL A 13 -23.27 27.38 -21.43
N ASN A 14 -24.20 27.37 -20.49
CA ASN A 14 -25.45 26.62 -20.69
C ASN A 14 -26.22 27.25 -21.85
N ARG A 15 -26.18 28.58 -21.92
CA ARG A 15 -26.87 29.32 -22.98
C ARG A 15 -26.26 28.98 -24.33
N LEU A 16 -24.93 28.90 -24.37
CA LEU A 16 -24.23 28.58 -25.60
C LEU A 16 -24.56 27.17 -26.08
N GLN A 17 -24.59 26.22 -25.14
CA GLN A 17 -24.92 24.86 -25.50
C GLN A 17 -26.35 24.78 -26.05
N ASP A 18 -27.25 25.59 -25.48
CA ASP A 18 -28.63 25.61 -25.97
C ASP A 18 -28.65 26.28 -27.34
N ALA A 19 -27.89 27.35 -27.49
CA ALA A 19 -27.80 28.08 -28.75
C ALA A 19 -27.37 27.14 -29.87
N PHE A 20 -26.35 26.32 -29.59
CA PHE A 20 -25.84 25.36 -30.56
C PHE A 20 -26.94 24.38 -30.97
N SER A 21 -27.78 24.01 -29.99
CA SER A 21 -28.89 23.11 -30.22
C SER A 21 -29.87 23.76 -31.21
N ALA A 22 -30.14 25.04 -31.01
CA ALA A 22 -31.06 25.76 -31.90
C ALA A 22 -30.53 25.77 -33.33
N ILE A 23 -29.21 25.80 -33.46
CA ILE A 23 -28.56 25.80 -34.78
C ILE A 23 -28.70 24.43 -35.45
N GLY A 24 -28.96 23.41 -34.63
CA GLY A 24 -29.13 22.06 -35.14
C GLY A 24 -27.89 21.47 -35.78
N GLN A 25 -26.72 21.84 -35.28
CA GLN A 25 -25.48 21.34 -35.82
C GLN A 25 -24.75 20.47 -34.80
N ASN A 26 -23.93 19.55 -35.31
CA ASN A 26 -23.15 18.66 -34.45
C ASN A 26 -21.93 19.44 -33.97
N ALA A 27 -22.15 20.36 -33.03
CA ALA A 27 -21.07 21.17 -32.46
C ALA A 27 -21.30 21.38 -30.98
N ASP A 28 -20.30 20.99 -30.18
CA ASP A 28 -20.39 21.12 -28.73
C ASP A 28 -19.02 21.49 -28.18
N LEU A 29 -19.00 22.04 -26.98
CA LEU A 29 -17.76 22.45 -26.33
C LEU A 29 -16.93 21.23 -25.92
N ASP A 30 -17.59 20.08 -25.81
CA ASP A 30 -16.94 18.83 -25.46
C ASP A 30 -16.16 18.94 -24.16
N LEU A 31 -16.85 19.33 -23.08
CA LEU A 31 -16.22 19.45 -21.77
C LEU A 31 -15.64 18.09 -21.37
N PRO A 32 -14.37 18.07 -20.93
CA PRO A 32 -13.72 16.83 -20.53
C PRO A 32 -14.39 16.22 -19.30
N GLN A 33 -14.37 14.89 -19.22
CA GLN A 33 -14.98 14.21 -18.07
C GLN A 33 -13.96 14.07 -16.95
N ILE A 34 -14.44 13.96 -15.72
CA ILE A 34 -13.55 13.83 -14.57
C ILE A 34 -13.62 12.43 -13.95
N ALA A 35 -12.48 11.75 -13.89
CA ALA A 35 -12.44 10.41 -13.32
C ALA A 35 -11.52 10.37 -12.10
N VAL A 36 -11.92 9.65 -11.07
CA VAL A 36 -11.13 9.54 -9.87
C VAL A 36 -10.54 8.12 -9.78
N VAL A 37 -9.22 8.03 -9.66
CA VAL A 37 -8.54 6.73 -9.60
C VAL A 37 -7.57 6.62 -8.44
N GLY A 38 -7.35 5.38 -7.98
CA GLY A 38 -6.43 5.15 -6.88
C GLY A 38 -6.68 3.84 -6.18
N GLY A 39 -5.75 3.46 -5.29
CA GLY A 39 -5.90 2.22 -4.55
C GLY A 39 -7.16 2.24 -3.71
N GLN A 40 -7.65 1.06 -3.34
CA GLN A 40 -8.85 0.96 -2.53
C GLN A 40 -8.67 1.77 -1.24
N SER A 41 -9.67 2.57 -0.91
CA SER A 41 -9.68 3.39 0.31
C SER A 41 -8.78 4.62 0.25
N ALA A 42 -8.31 4.99 -0.93
CA ALA A 42 -7.47 6.16 -1.09
C ALA A 42 -8.22 7.46 -0.75
N GLY A 43 -9.55 7.38 -0.74
CA GLY A 43 -10.37 8.54 -0.44
C GLY A 43 -11.00 9.18 -1.68
N LYS A 44 -11.20 8.37 -2.70
CA LYS A 44 -11.74 8.80 -3.98
C LYS A 44 -13.15 9.42 -3.99
N SER A 45 -14.13 8.68 -3.47
CA SER A 45 -15.50 9.17 -3.42
C SER A 45 -15.64 10.49 -2.68
N SER A 46 -14.88 10.66 -1.59
CA SER A 46 -14.92 11.89 -0.81
C SER A 46 -14.47 13.04 -1.70
N VAL A 47 -13.35 12.83 -2.38
CA VAL A 47 -12.80 13.85 -3.27
C VAL A 47 -13.81 14.24 -4.34
N LEU A 48 -14.41 13.26 -5.00
CA LEU A 48 -15.37 13.54 -6.06
C LEU A 48 -16.60 14.30 -5.60
N GLU A 49 -17.26 13.84 -4.54
CA GLU A 49 -18.47 14.51 -4.06
C GLU A 49 -18.17 15.91 -3.52
N ASN A 50 -16.96 16.12 -3.02
CA ASN A 50 -16.58 17.43 -2.51
C ASN A 50 -16.51 18.40 -3.68
N PHE A 51 -15.97 17.94 -4.81
CA PHE A 51 -15.89 18.78 -5.99
C PHE A 51 -17.29 19.17 -6.47
N VAL A 52 -18.23 18.24 -6.42
CA VAL A 52 -19.60 18.49 -6.83
C VAL A 52 -20.28 19.41 -5.81
N GLY A 53 -19.85 19.30 -4.55
CA GLY A 53 -20.40 20.13 -3.50
C GLY A 53 -21.62 19.56 -2.80
N ARG A 54 -21.72 18.24 -2.74
CA ARG A 54 -22.86 17.59 -2.08
C ARG A 54 -22.52 16.23 -1.51
N ASP A 55 -23.10 15.91 -0.37
CA ASP A 55 -22.90 14.60 0.25
C ASP A 55 -23.89 13.63 -0.37
N PHE A 56 -23.44 12.80 -1.31
CA PHE A 56 -24.33 11.83 -1.95
C PHE A 56 -23.66 10.51 -2.35
N LEU A 57 -22.34 10.44 -2.22
CA LEU A 57 -21.62 9.23 -2.58
C LEU A 57 -21.30 8.38 -1.35
N PRO A 58 -21.53 7.06 -1.45
CA PRO A 58 -21.25 6.17 -0.32
C PRO A 58 -19.75 6.16 -0.03
N ARG A 59 -19.42 6.35 1.24
CA ARG A 59 -18.03 6.38 1.69
C ARG A 59 -17.93 5.55 2.96
N GLY A 60 -16.79 4.90 3.15
CA GLY A 60 -16.60 4.07 4.34
C GLY A 60 -15.26 3.36 4.33
N SER A 61 -15.09 2.44 5.26
CA SER A 61 -13.86 1.67 5.35
C SER A 61 -14.04 0.37 4.55
N GLY A 62 -12.95 -0.20 4.06
CA GLY A 62 -13.05 -1.43 3.30
C GLY A 62 -13.50 -1.15 1.88
N ILE A 63 -14.11 -2.14 1.24
CA ILE A 63 -14.56 -1.95 -0.13
C ILE A 63 -15.95 -1.31 -0.13
N VAL A 64 -16.03 -0.10 -0.64
CA VAL A 64 -17.29 0.62 -0.68
C VAL A 64 -17.85 0.75 -2.09
N THR A 65 -17.17 1.53 -2.93
CA THR A 65 -17.59 1.73 -4.31
C THR A 65 -17.30 0.44 -5.05
N ARG A 66 -18.37 -0.28 -5.42
CA ARG A 66 -18.23 -1.57 -6.10
C ARG A 66 -18.67 -1.59 -7.56
N ARG A 67 -19.11 -0.44 -8.05
CA ARG A 67 -19.54 -0.27 -9.44
C ARG A 67 -19.18 1.15 -9.87
N PRO A 68 -18.97 1.36 -11.18
CA PRO A 68 -18.63 2.72 -11.61
C PRO A 68 -19.89 3.56 -11.51
N LEU A 69 -19.76 4.81 -11.09
CA LEU A 69 -20.92 5.68 -11.03
C LEU A 69 -20.69 6.81 -12.02
N VAL A 70 -21.47 6.78 -13.10
CA VAL A 70 -21.38 7.80 -14.13
C VAL A 70 -22.37 8.89 -13.76
N LEU A 71 -21.83 10.04 -13.37
CA LEU A 71 -22.63 11.16 -12.96
C LEU A 71 -22.60 12.28 -13.99
N GLN A 72 -23.79 12.69 -14.42
CA GLN A 72 -23.90 13.76 -15.38
C GLN A 72 -24.57 14.92 -14.66
N LEU A 73 -23.85 16.02 -14.52
CA LEU A 73 -24.39 17.22 -13.88
C LEU A 73 -25.09 17.96 -15.00
N VAL A 74 -26.35 18.32 -14.77
CA VAL A 74 -27.14 19.01 -15.78
C VAL A 74 -27.68 20.34 -15.23
N ASN A 75 -27.39 21.42 -15.92
CA ASN A 75 -27.86 22.74 -15.50
C ASN A 75 -29.38 22.78 -15.70
N ALA A 76 -30.10 23.19 -14.66
CA ALA A 76 -31.56 23.27 -14.72
C ALA A 76 -32.05 24.24 -13.65
N THR A 77 -33.31 24.63 -13.75
CA THR A 77 -33.90 25.56 -12.79
C THR A 77 -34.11 24.90 -11.42
N THR A 78 -34.56 23.66 -11.43
CA THR A 78 -34.81 22.92 -10.18
C THR A 78 -33.60 22.09 -9.75
N GLU A 79 -33.43 21.94 -8.45
CA GLU A 79 -32.33 21.15 -7.91
C GLU A 79 -32.86 19.82 -7.41
N TYR A 80 -32.51 18.75 -8.13
CA TYR A 80 -32.94 17.40 -7.81
C TYR A 80 -32.05 16.41 -8.55
N ALA A 81 -32.27 15.11 -8.35
CA ALA A 81 -31.47 14.08 -9.00
C ALA A 81 -32.35 12.90 -9.41
N GLU A 82 -31.89 12.16 -10.42
CA GLU A 82 -32.63 10.99 -10.89
C GLU A 82 -31.68 9.97 -11.50
N PHE A 83 -31.92 8.69 -11.20
CA PHE A 83 -31.09 7.60 -11.72
C PHE A 83 -31.76 7.05 -12.96
N LEU A 84 -30.96 6.57 -13.90
CA LEU A 84 -31.47 6.00 -15.12
C LEU A 84 -32.31 4.76 -14.81
N HIS A 85 -31.83 3.97 -13.85
CA HIS A 85 -32.52 2.75 -13.45
C HIS A 85 -33.82 2.98 -12.65
N CYS A 86 -34.13 4.23 -12.33
CA CYS A 86 -35.35 4.56 -11.59
C CYS A 86 -36.20 5.53 -12.43
N LYS A 87 -36.69 5.05 -13.56
CA LYS A 87 -37.52 5.85 -14.46
C LYS A 87 -38.65 6.53 -13.71
N GLY A 88 -38.69 7.85 -13.79
CA GLY A 88 -39.75 8.59 -13.15
C GLY A 88 -39.44 9.32 -11.86
N LYS A 89 -38.82 8.63 -10.91
CA LYS A 89 -38.52 9.26 -9.63
C LYS A 89 -37.49 10.40 -9.67
N LYS A 90 -37.77 11.43 -8.88
CA LYS A 90 -36.91 12.61 -8.76
C LYS A 90 -36.53 12.74 -7.28
N PHE A 91 -35.27 12.42 -6.97
CA PHE A 91 -34.76 12.51 -5.62
C PHE A 91 -34.42 13.96 -5.32
N THR A 92 -34.80 14.45 -4.14
CA THR A 92 -34.48 15.81 -3.74
C THR A 92 -33.66 15.75 -2.46
N ASP A 93 -33.70 14.59 -1.80
CA ASP A 93 -32.96 14.37 -0.57
C ASP A 93 -31.71 13.55 -0.96
N PHE A 94 -30.57 14.21 -0.97
CA PHE A 94 -29.33 13.54 -1.35
C PHE A 94 -28.88 12.37 -0.46
N GLU A 95 -29.45 12.26 0.73
CA GLU A 95 -29.10 11.14 1.59
C GLU A 95 -29.78 9.93 0.97
N GLU A 96 -30.94 10.15 0.38
CA GLU A 96 -31.68 9.08 -0.28
C GLU A 96 -30.93 8.67 -1.53
N VAL A 97 -30.27 9.63 -2.18
CA VAL A 97 -29.49 9.34 -3.38
C VAL A 97 -28.33 8.42 -2.98
N ARG A 98 -27.64 8.77 -1.89
CA ARG A 98 -26.53 7.97 -1.38
C ARG A 98 -27.01 6.56 -1.08
N LEU A 99 -28.14 6.48 -0.38
CA LEU A 99 -28.73 5.19 -0.01
C LEU A 99 -29.11 4.38 -1.24
N GLU A 100 -29.67 5.05 -2.23
CA GLU A 100 -30.07 4.37 -3.45
C GLU A 100 -28.85 3.82 -4.19
N ILE A 101 -27.76 4.57 -4.22
CA ILE A 101 -26.55 4.10 -4.90
C ILE A 101 -26.10 2.80 -4.21
N GLU A 102 -26.11 2.82 -2.89
CA GLU A 102 -25.72 1.67 -2.10
C GLU A 102 -26.65 0.48 -2.39
N ALA A 103 -27.96 0.74 -2.33
CA ALA A 103 -28.96 -0.30 -2.59
C ALA A 103 -28.87 -0.89 -3.99
N GLU A 104 -28.61 -0.03 -4.97
CA GLU A 104 -28.48 -0.48 -6.35
C GLU A 104 -27.20 -1.29 -6.51
N THR A 105 -26.20 -0.97 -5.70
CA THR A 105 -24.94 -1.70 -5.74
C THR A 105 -25.16 -3.11 -5.17
N ASP A 106 -25.70 -3.18 -3.95
CA ASP A 106 -25.97 -4.46 -3.30
C ASP A 106 -26.85 -5.37 -4.14
N ARG A 107 -27.88 -4.78 -4.75
CA ARG A 107 -28.80 -5.54 -5.58
C ARG A 107 -28.07 -6.34 -6.64
N VAL A 108 -27.08 -5.72 -7.26
CA VAL A 108 -26.31 -6.36 -8.32
C VAL A 108 -25.07 -7.14 -7.86
N THR A 109 -24.35 -6.60 -6.88
CA THR A 109 -23.12 -7.21 -6.38
C THR A 109 -23.22 -8.06 -5.11
N GLY A 110 -24.34 -7.97 -4.40
CA GLY A 110 -24.48 -8.72 -3.16
C GLY A 110 -23.70 -8.02 -2.05
N THR A 111 -23.62 -8.62 -0.87
CA THR A 111 -22.92 -8.01 0.25
C THR A 111 -21.65 -8.74 0.70
N ASN A 112 -21.08 -9.55 -0.19
CA ASN A 112 -19.87 -10.27 0.18
C ASN A 112 -18.66 -9.83 -0.66
N LYS A 113 -18.46 -8.52 -0.73
CA LYS A 113 -17.34 -7.87 -1.44
C LYS A 113 -17.31 -7.89 -2.97
N GLY A 114 -18.35 -8.43 -3.60
CA GLY A 114 -18.36 -8.50 -5.05
C GLY A 114 -18.36 -7.15 -5.76
N ILE A 115 -17.95 -7.16 -7.02
CA ILE A 115 -17.91 -5.95 -7.84
C ILE A 115 -18.60 -6.21 -9.17
N SER A 116 -19.01 -5.14 -9.83
CA SER A 116 -19.67 -5.25 -11.12
C SER A 116 -19.20 -4.10 -12.02
N PRO A 117 -18.95 -4.40 -13.31
CA PRO A 117 -18.51 -3.40 -14.27
C PRO A 117 -19.66 -2.55 -14.80
N VAL A 118 -20.89 -2.95 -14.48
CA VAL A 118 -22.07 -2.22 -14.93
C VAL A 118 -22.21 -0.91 -14.15
N PRO A 119 -22.16 0.24 -14.85
CA PRO A 119 -22.29 1.56 -14.23
C PRO A 119 -23.67 1.92 -13.73
N ILE A 120 -23.70 2.75 -12.70
CA ILE A 120 -24.94 3.25 -12.14
C ILE A 120 -24.93 4.65 -12.74
N ASN A 121 -26.00 5.01 -13.44
CA ASN A 121 -26.10 6.31 -14.10
C ASN A 121 -26.93 7.28 -13.28
N LEU A 122 -26.35 8.43 -12.99
CA LEU A 122 -27.03 9.43 -12.20
C LEU A 122 -26.94 10.83 -12.77
N ARG A 123 -28.09 11.48 -12.85
CA ARG A 123 -28.17 12.85 -13.34
C ARG A 123 -28.53 13.76 -12.18
N VAL A 124 -27.71 14.78 -11.94
CA VAL A 124 -27.97 15.73 -10.87
C VAL A 124 -28.27 17.08 -11.51
N TYR A 125 -29.50 17.56 -11.32
CA TYR A 125 -29.93 18.83 -11.89
C TYR A 125 -29.72 19.96 -10.90
N SER A 126 -29.22 21.08 -11.41
CA SER A 126 -28.95 22.28 -10.61
C SER A 126 -28.61 23.43 -11.55
N PRO A 127 -28.96 24.66 -11.15
CA PRO A 127 -28.66 25.83 -11.99
C PRO A 127 -27.24 26.37 -11.80
N HIS A 128 -26.48 25.75 -10.91
CA HIS A 128 -25.12 26.23 -10.63
C HIS A 128 -24.04 25.23 -11.02
N VAL A 129 -24.24 24.51 -12.12
CA VAL A 129 -23.26 23.52 -12.55
C VAL A 129 -23.02 23.51 -14.05
N LEU A 130 -21.87 22.99 -14.45
CA LEU A 130 -21.54 22.85 -15.87
C LEU A 130 -22.16 21.52 -16.27
N ASN A 131 -22.41 21.32 -17.55
CA ASN A 131 -22.97 20.06 -18.02
C ASN A 131 -21.79 19.09 -18.09
N LEU A 132 -21.32 18.68 -16.92
CA LEU A 132 -20.18 17.78 -16.77
C LEU A 132 -20.50 16.31 -16.51
N THR A 133 -19.53 15.46 -16.82
CA THR A 133 -19.63 14.03 -16.60
C THR A 133 -18.48 13.65 -15.66
N LEU A 134 -18.83 13.09 -14.51
CA LEU A 134 -17.84 12.67 -13.52
C LEU A 134 -18.03 11.18 -13.29
N VAL A 135 -16.94 10.46 -13.06
CA VAL A 135 -17.01 9.03 -12.85
C VAL A 135 -16.34 8.59 -11.56
N ASP A 136 -17.11 8.00 -10.66
CA ASP A 136 -16.56 7.47 -9.41
C ASP A 136 -16.24 6.02 -9.73
N LEU A 137 -15.06 5.57 -9.32
CA LEU A 137 -14.63 4.21 -9.62
C LEU A 137 -14.12 3.42 -8.42
N PRO A 138 -14.24 2.08 -8.47
CA PRO A 138 -13.79 1.19 -7.42
C PRO A 138 -12.27 1.33 -7.26
N GLY A 139 -11.77 1.05 -6.05
CA GLY A 139 -10.35 1.16 -5.81
C GLY A 139 -9.56 -0.03 -6.32
N MET A 140 -8.33 0.20 -6.73
CA MET A 140 -7.47 -0.86 -7.23
C MET A 140 -6.99 -1.72 -6.05
N THR A 141 -6.89 -3.02 -6.30
CA THR A 141 -6.46 -3.98 -5.28
C THR A 141 -5.40 -4.95 -5.79
N LYS A 142 -4.96 -5.84 -4.91
CA LYS A 142 -3.94 -6.83 -5.25
C LYS A 142 -4.39 -8.28 -5.00
N VAL A 143 -5.24 -8.49 -4.01
CA VAL A 143 -5.72 -9.83 -3.67
C VAL A 143 -7.25 -9.84 -3.47
N PRO A 144 -7.92 -10.89 -3.99
CA PRO A 144 -9.38 -11.02 -3.86
C PRO A 144 -9.84 -11.39 -2.46
N VAL A 145 -11.02 -10.90 -2.10
CA VAL A 145 -11.62 -11.17 -0.80
C VAL A 145 -13.11 -11.44 -1.02
N GLY A 146 -13.75 -12.14 -0.08
CA GLY A 146 -15.16 -12.44 -0.25
C GLY A 146 -15.37 -13.29 -1.49
N ASP A 147 -16.30 -12.89 -2.36
CA ASP A 147 -16.53 -13.68 -3.56
C ASP A 147 -15.94 -13.10 -4.84
N GLN A 148 -14.90 -12.27 -4.70
CA GLN A 148 -14.23 -11.67 -5.84
C GLN A 148 -13.47 -12.75 -6.61
N PRO A 149 -13.38 -12.61 -7.93
CA PRO A 149 -12.66 -13.58 -8.77
C PRO A 149 -11.15 -13.46 -8.56
N PRO A 150 -10.40 -14.51 -8.91
CA PRO A 150 -8.94 -14.53 -8.75
C PRO A 150 -8.23 -13.38 -9.46
N ASP A 151 -8.84 -12.84 -10.52
CA ASP A 151 -8.25 -11.75 -11.28
C ASP A 151 -8.89 -10.38 -11.01
N ILE A 152 -9.47 -10.23 -9.82
CA ILE A 152 -10.13 -9.00 -9.40
C ILE A 152 -9.31 -7.73 -9.72
N GLU A 153 -8.01 -7.77 -9.46
CA GLU A 153 -7.13 -6.65 -9.73
C GLU A 153 -7.24 -6.14 -11.17
N PHE A 154 -7.20 -7.07 -12.12
CA PHE A 154 -7.29 -6.70 -13.53
C PHE A 154 -8.69 -6.36 -13.97
N GLN A 155 -9.70 -6.93 -13.32
CA GLN A 155 -11.07 -6.61 -13.68
C GLN A 155 -11.31 -5.15 -13.28
N ILE A 156 -10.69 -4.71 -12.18
CA ILE A 156 -10.85 -3.34 -11.72
C ILE A 156 -10.03 -2.41 -12.59
N ARG A 157 -8.79 -2.80 -12.86
CA ARG A 157 -7.91 -2.00 -13.71
C ARG A 157 -8.59 -1.76 -15.07
N ASP A 158 -9.16 -2.81 -15.66
CA ASP A 158 -9.84 -2.71 -16.96
C ASP A 158 -11.00 -1.73 -16.88
N MET A 159 -11.71 -1.83 -15.77
CA MET A 159 -12.88 -1.00 -15.48
C MET A 159 -12.54 0.49 -15.56
N LEU A 160 -11.45 0.90 -14.91
CA LEU A 160 -11.07 2.30 -14.93
C LEU A 160 -10.34 2.72 -16.22
N MET A 161 -9.67 1.76 -16.87
CA MET A 161 -8.96 2.05 -18.10
C MET A 161 -9.91 2.55 -19.19
N GLN A 162 -11.14 2.03 -19.21
CA GLN A 162 -12.11 2.46 -20.21
C GLN A 162 -12.56 3.90 -20.02
N PHE A 163 -12.29 4.46 -18.84
CA PHE A 163 -12.64 5.85 -18.58
C PHE A 163 -11.44 6.78 -18.73
N VAL A 164 -10.33 6.40 -18.10
CA VAL A 164 -9.12 7.21 -18.12
C VAL A 164 -8.36 7.29 -19.46
N THR A 165 -8.68 6.40 -20.40
CA THR A 165 -8.00 6.43 -21.69
C THR A 165 -8.70 7.39 -22.65
N LYS A 166 -9.89 7.86 -22.28
CA LYS A 166 -10.64 8.79 -23.11
C LYS A 166 -9.84 10.09 -23.21
N GLU A 167 -9.77 10.63 -24.42
CA GLU A 167 -9.02 11.85 -24.64
C GLU A 167 -9.57 13.02 -23.83
N ASN A 168 -8.66 13.75 -23.21
CA ASN A 168 -9.01 14.91 -22.39
C ASN A 168 -9.60 14.60 -21.01
N CYS A 169 -9.87 13.33 -20.70
CA CYS A 169 -10.42 12.97 -19.39
C CYS A 169 -9.48 13.44 -18.29
N LEU A 170 -9.98 14.28 -17.40
CA LEU A 170 -9.19 14.78 -16.28
C LEU A 170 -9.08 13.68 -15.23
N ILE A 171 -7.84 13.26 -14.97
CA ILE A 171 -7.59 12.19 -14.03
C ILE A 171 -7.20 12.69 -12.63
N LEU A 172 -8.07 12.42 -11.66
CA LEU A 172 -7.79 12.78 -10.28
C LEU A 172 -7.04 11.60 -9.68
N ALA A 173 -5.71 11.70 -9.65
CA ALA A 173 -4.86 10.66 -9.10
C ALA A 173 -4.84 10.85 -7.58
N VAL A 174 -5.67 10.09 -6.89
CA VAL A 174 -5.81 10.17 -5.44
C VAL A 174 -4.87 9.21 -4.69
N SER A 175 -4.06 9.75 -3.79
CA SER A 175 -3.11 8.96 -3.00
C SER A 175 -3.20 9.37 -1.53
N PRO A 176 -3.20 8.40 -0.60
CA PRO A 176 -3.27 8.76 0.81
C PRO A 176 -1.88 9.10 1.34
N ALA A 177 -1.78 10.16 2.13
CA ALA A 177 -0.50 10.59 2.69
C ALA A 177 0.14 9.58 3.63
N ASN A 178 -0.68 8.80 4.32
CA ASN A 178 -0.16 7.82 5.28
C ASN A 178 0.46 6.57 4.65
N SER A 179 0.83 6.70 3.38
CA SER A 179 1.48 5.64 2.63
C SER A 179 2.49 6.36 1.77
N ASP A 180 3.60 5.71 1.44
CA ASP A 180 4.63 6.32 0.61
C ASP A 180 4.09 6.54 -0.80
N LEU A 181 4.39 7.71 -1.35
CA LEU A 181 3.94 8.10 -2.68
C LEU A 181 4.40 7.12 -3.76
N ALA A 182 5.55 6.49 -3.54
CA ALA A 182 6.08 5.53 -4.51
C ALA A 182 5.18 4.29 -4.67
N ASN A 183 4.30 4.05 -3.70
CA ASN A 183 3.36 2.91 -3.75
C ASN A 183 2.03 3.30 -4.35
N SER A 184 1.91 4.53 -4.83
CA SER A 184 0.66 5.00 -5.39
C SER A 184 0.19 4.28 -6.65
N ASP A 185 -0.95 3.62 -6.55
CA ASP A 185 -1.57 2.94 -7.69
C ASP A 185 -2.05 4.04 -8.64
N ALA A 186 -2.61 5.09 -8.06
CA ALA A 186 -3.12 6.23 -8.82
C ALA A 186 -2.08 6.81 -9.77
N LEU A 187 -0.89 7.05 -9.26
CA LEU A 187 0.19 7.62 -10.08
C LEU A 187 0.68 6.65 -11.15
N LYS A 188 0.74 5.36 -10.81
CA LYS A 188 1.19 4.35 -11.76
C LYS A 188 0.27 4.35 -12.98
N VAL A 189 -1.04 4.24 -12.72
CA VAL A 189 -2.03 4.24 -13.78
C VAL A 189 -1.97 5.54 -14.58
N ALA A 190 -1.86 6.65 -13.87
CA ALA A 190 -1.78 7.97 -14.50
C ALA A 190 -0.63 8.06 -15.49
N LYS A 191 0.54 7.56 -15.09
CA LYS A 191 1.72 7.59 -15.93
C LYS A 191 1.61 6.67 -17.15
N GLU A 192 0.82 5.61 -17.03
CA GLU A 192 0.64 4.68 -18.14
C GLU A 192 -0.22 5.30 -19.23
N VAL A 193 -1.34 5.91 -18.83
CA VAL A 193 -2.28 6.51 -19.76
C VAL A 193 -2.01 7.96 -20.18
N ASP A 194 -1.39 8.71 -19.29
CA ASP A 194 -1.07 10.11 -19.53
C ASP A 194 0.35 10.34 -19.02
N PRO A 195 1.33 9.69 -19.67
CA PRO A 195 2.76 9.78 -19.31
C PRO A 195 3.36 11.16 -19.13
N GLN A 196 2.89 12.13 -19.88
CA GLN A 196 3.42 13.49 -19.77
C GLN A 196 2.70 14.34 -18.72
N GLY A 197 1.63 13.79 -18.15
CA GLY A 197 0.87 14.51 -17.14
C GLY A 197 0.05 15.70 -17.60
N GLN A 198 -0.39 15.68 -18.86
CA GLN A 198 -1.18 16.78 -19.40
C GLN A 198 -2.57 16.90 -18.79
N ARG A 199 -3.11 15.79 -18.31
CA ARG A 199 -4.45 15.77 -17.73
C ARG A 199 -4.56 15.05 -16.38
N THR A 200 -3.45 15.00 -15.66
CA THR A 200 -3.40 14.36 -14.35
C THR A 200 -3.29 15.42 -13.26
N ILE A 201 -4.15 15.32 -12.26
CA ILE A 201 -4.15 16.26 -11.13
C ILE A 201 -3.90 15.39 -9.90
N GLY A 202 -2.75 15.58 -9.27
CA GLY A 202 -2.41 14.80 -8.10
C GLY A 202 -3.15 15.28 -6.86
N VAL A 203 -3.78 14.35 -6.15
CA VAL A 203 -4.52 14.69 -4.94
C VAL A 203 -4.03 13.84 -3.78
N ILE A 204 -3.53 14.49 -2.73
CA ILE A 204 -3.03 13.77 -1.57
C ILE A 204 -4.01 13.97 -0.42
N THR A 205 -4.61 12.86 0.01
CA THR A 205 -5.58 12.86 1.09
C THR A 205 -4.94 12.38 2.39
N LYS A 206 -5.78 12.25 3.41
CA LYS A 206 -5.38 11.74 4.72
C LYS A 206 -4.11 12.33 5.31
N LEU A 207 -3.90 13.63 5.09
CA LEU A 207 -2.73 14.31 5.61
C LEU A 207 -2.74 14.35 7.13
N ASP A 208 -3.94 14.30 7.70
CA ASP A 208 -4.15 14.31 9.14
C ASP A 208 -3.80 12.97 9.80
N LEU A 209 -3.52 11.95 9.00
CA LEU A 209 -3.20 10.64 9.56
C LEU A 209 -1.73 10.25 9.51
N MET A 210 -0.87 11.15 9.07
CA MET A 210 0.55 10.82 8.99
C MET A 210 1.17 10.53 10.34
N ASP A 211 2.08 9.57 10.34
CA ASP A 211 2.82 9.16 11.53
C ASP A 211 3.58 10.36 12.11
N GLU A 212 3.54 10.52 13.42
CA GLU A 212 4.25 11.63 14.05
C GLU A 212 5.72 11.57 13.63
N GLY A 213 6.30 12.73 13.35
CA GLY A 213 7.67 12.79 12.92
C GLY A 213 7.81 12.75 11.41
N THR A 214 6.69 12.73 10.69
CA THR A 214 6.73 12.70 9.23
C THR A 214 5.79 13.77 8.67
N ASP A 215 5.96 14.13 7.40
CA ASP A 215 5.12 15.12 6.74
C ASP A 215 5.24 14.92 5.22
N ALA A 216 4.31 15.50 4.46
CA ALA A 216 4.33 15.34 3.00
C ALA A 216 4.78 16.59 2.24
N ARG A 217 5.61 17.41 2.87
CA ARG A 217 6.09 18.65 2.25
C ARG A 217 6.73 18.45 0.87
N ASP A 218 7.65 17.51 0.76
CA ASP A 218 8.32 17.22 -0.50
C ASP A 218 7.32 16.83 -1.58
N VAL A 219 6.26 16.11 -1.17
CA VAL A 219 5.22 15.68 -2.10
C VAL A 219 4.39 16.88 -2.55
N LEU A 220 3.83 17.59 -1.58
CA LEU A 220 2.98 18.76 -1.83
C LEU A 220 3.71 19.90 -2.54
N GLU A 221 5.02 19.97 -2.39
CA GLU A 221 5.78 21.02 -3.07
C GLU A 221 6.11 20.57 -4.50
N ASN A 222 5.65 19.38 -4.85
CA ASN A 222 5.86 18.80 -6.18
C ASN A 222 7.33 18.52 -6.43
N LYS A 223 8.02 18.02 -5.41
CA LYS A 223 9.44 17.73 -5.52
C LYS A 223 9.81 16.26 -5.38
N LEU A 224 9.07 15.51 -4.57
CA LEU A 224 9.37 14.08 -4.40
C LEU A 224 9.15 13.33 -5.71
N LEU A 225 8.00 13.56 -6.33
CA LEU A 225 7.66 12.92 -7.59
C LEU A 225 6.94 13.99 -8.40
N PRO A 226 7.71 14.84 -9.09
CA PRO A 226 7.18 15.94 -9.91
C PRO A 226 6.07 15.58 -10.90
N LEU A 227 5.00 16.36 -10.87
CA LEU A 227 3.86 16.18 -11.73
C LEU A 227 3.69 17.52 -12.46
N ARG A 228 3.40 17.46 -13.75
CA ARG A 228 3.22 18.66 -14.55
C ARG A 228 2.18 19.61 -13.95
N ARG A 229 1.08 19.07 -13.45
CA ARG A 229 0.03 19.91 -12.86
C ARG A 229 0.15 20.06 -11.34
N GLY A 230 1.17 19.44 -10.77
CA GLY A 230 1.36 19.55 -9.34
C GLY A 230 0.49 18.63 -8.50
N TYR A 231 0.45 18.94 -7.20
CA TYR A 231 -0.31 18.18 -6.22
C TYR A 231 -1.11 19.14 -5.35
N ILE A 232 -2.28 18.69 -4.91
CA ILE A 232 -3.11 19.48 -4.02
C ILE A 232 -3.48 18.57 -2.86
N GLY A 233 -3.25 19.05 -1.64
CA GLY A 233 -3.56 18.24 -0.48
C GLY A 233 -4.92 18.54 0.10
N VAL A 234 -5.57 17.52 0.63
CA VAL A 234 -6.88 17.71 1.23
C VAL A 234 -6.99 16.89 2.51
N VAL A 235 -7.89 17.32 3.38
CA VAL A 235 -8.12 16.62 4.63
C VAL A 235 -9.62 16.48 4.71
N ASN A 236 -10.11 15.27 4.48
CA ASN A 236 -11.53 15.00 4.53
C ASN A 236 -11.95 14.27 5.80
N ARG A 237 -13.24 13.96 5.90
CA ARG A 237 -13.80 13.30 7.07
C ARG A 237 -13.33 11.87 7.31
N SER A 238 -13.07 11.56 8.57
CA SER A 238 -12.64 10.23 8.98
C SER A 238 -13.86 9.35 9.18
N GLN A 239 -13.65 8.07 9.53
CA GLN A 239 -14.77 7.17 9.74
C GLN A 239 -15.62 7.63 10.91
N LYS A 240 -14.96 8.01 12.01
CA LYS A 240 -15.67 8.51 13.18
C LYS A 240 -16.52 9.69 12.74
N ASP A 241 -15.96 10.55 11.87
CA ASP A 241 -16.68 11.71 11.35
C ASP A 241 -17.93 11.29 10.56
N ILE A 242 -17.78 10.31 9.67
CA ILE A 242 -18.90 9.82 8.87
C ILE A 242 -19.95 9.20 9.78
N ASP A 243 -19.50 8.42 10.76
CA ASP A 243 -20.41 7.79 11.71
C ASP A 243 -21.22 8.83 12.47
N GLY A 244 -20.55 9.92 12.87
CA GLY A 244 -21.20 10.98 13.61
C GLY A 244 -21.94 12.02 12.77
N LYS A 245 -22.02 11.79 11.47
CA LYS A 245 -22.70 12.70 10.55
C LYS A 245 -22.13 14.13 10.55
N LYS A 246 -20.81 14.26 10.65
CA LYS A 246 -20.18 15.58 10.64
C LYS A 246 -20.50 16.22 9.29
N ASP A 247 -20.94 17.47 9.29
CA ASP A 247 -21.30 18.14 8.04
C ASP A 247 -20.10 18.69 7.26
N ILE A 248 -20.34 19.03 6.00
CA ILE A 248 -19.29 19.56 5.15
C ILE A 248 -18.62 20.84 5.64
N THR A 249 -19.42 21.84 6.04
CA THR A 249 -18.83 23.09 6.50
C THR A 249 -17.84 22.86 7.63
N ALA A 250 -18.17 21.93 8.52
CA ALA A 250 -17.30 21.59 9.65
C ALA A 250 -16.02 20.90 9.16
N ALA A 251 -16.16 19.98 8.21
CA ALA A 251 -15.00 19.27 7.66
C ALA A 251 -14.07 20.26 6.96
N LEU A 252 -14.65 21.14 6.16
CA LEU A 252 -13.90 22.15 5.43
C LEU A 252 -13.21 23.12 6.41
N ALA A 253 -13.88 23.41 7.52
CA ALA A 253 -13.33 24.31 8.54
C ALA A 253 -12.11 23.66 9.20
N ALA A 254 -12.20 22.35 9.42
CA ALA A 254 -11.10 21.59 10.03
C ALA A 254 -9.92 21.46 9.08
N GLU A 255 -10.22 21.34 7.79
CA GLU A 255 -9.18 21.23 6.78
C GLU A 255 -8.39 22.53 6.69
N ARG A 256 -9.12 23.65 6.65
CA ARG A 256 -8.51 24.98 6.58
C ARG A 256 -7.61 25.22 7.79
N LYS A 257 -8.13 24.90 8.97
CA LYS A 257 -7.36 25.08 10.20
C LYS A 257 -6.09 24.23 10.14
N PHE A 258 -6.22 23.02 9.60
CA PHE A 258 -5.10 22.11 9.48
C PHE A 258 -3.93 22.69 8.67
N PHE A 259 -4.23 23.24 7.50
CA PHE A 259 -3.17 23.80 6.67
C PHE A 259 -2.57 25.10 7.19
N LEU A 260 -3.40 25.92 7.84
CA LEU A 260 -2.93 27.18 8.39
C LEU A 260 -2.02 27.00 9.61
N SER A 261 -2.21 25.91 10.34
CA SER A 261 -1.44 25.67 11.55
C SER A 261 -0.24 24.74 11.43
N HIS A 262 -0.33 23.76 10.53
CA HIS A 262 0.75 22.79 10.36
C HIS A 262 2.04 23.47 9.90
N PRO A 263 3.11 23.41 10.72
CA PRO A 263 4.41 24.02 10.42
C PRO A 263 5.03 23.63 9.09
N SER A 264 4.73 22.42 8.61
CA SER A 264 5.26 21.97 7.33
C SER A 264 4.43 22.42 6.13
N TYR A 265 3.22 22.92 6.35
CA TYR A 265 2.38 23.31 5.22
C TYR A 265 1.76 24.71 5.19
N ARG A 266 1.86 25.49 6.27
CA ARG A 266 1.21 26.81 6.22
C ARG A 266 1.69 27.77 5.15
N HIS A 267 2.95 27.64 4.72
CA HIS A 267 3.44 28.49 3.65
C HIS A 267 2.79 28.08 2.31
N LEU A 268 2.12 26.93 2.30
CA LEU A 268 1.45 26.41 1.12
C LEU A 268 -0.07 26.44 1.24
N ALA A 269 -0.60 26.94 2.37
CA ALA A 269 -2.03 26.98 2.62
C ALA A 269 -2.89 27.47 1.44
N ASP A 270 -2.48 28.58 0.83
CA ASP A 270 -3.22 29.16 -0.29
C ASP A 270 -3.29 28.26 -1.53
N ARG A 271 -2.53 27.18 -1.53
CA ARG A 271 -2.52 26.22 -2.64
C ARG A 271 -2.89 24.83 -2.16
N MET A 272 -3.56 24.73 -1.01
CA MET A 272 -3.96 23.44 -0.45
C MET A 272 -5.42 23.48 -0.08
N GLY A 273 -6.03 22.29 -0.03
CA GLY A 273 -7.42 22.20 0.35
C GLY A 273 -8.43 21.93 -0.75
N THR A 274 -9.62 21.50 -0.32
CA THR A 274 -10.76 21.18 -1.16
C THR A 274 -11.20 22.37 -2.04
N PRO A 275 -11.44 23.55 -1.44
CA PRO A 275 -11.84 24.72 -2.24
C PRO A 275 -10.82 25.04 -3.32
N TYR A 276 -9.54 24.95 -2.98
CA TYR A 276 -8.50 25.22 -3.96
C TYR A 276 -8.46 24.16 -5.05
N LEU A 277 -8.75 22.91 -4.69
CA LEU A 277 -8.77 21.84 -5.69
C LEU A 277 -9.87 22.15 -6.68
N GLN A 278 -11.01 22.60 -6.17
CA GLN A 278 -12.14 22.95 -7.00
C GLN A 278 -11.76 24.01 -8.03
N LYS A 279 -11.05 25.04 -7.57
CA LYS A 279 -10.61 26.12 -8.45
C LYS A 279 -9.70 25.59 -9.55
N VAL A 280 -8.72 24.78 -9.17
CA VAL A 280 -7.77 24.19 -10.12
C VAL A 280 -8.50 23.38 -11.19
N LEU A 281 -9.43 22.53 -10.78
CA LEU A 281 -10.19 21.73 -11.75
C LEU A 281 -11.05 22.63 -12.63
N ASN A 282 -11.72 23.61 -12.01
CA ASN A 282 -12.55 24.54 -12.75
C ASN A 282 -11.72 25.33 -13.75
N GLN A 283 -10.46 25.59 -13.41
CA GLN A 283 -9.58 26.34 -14.29
C GLN A 283 -9.29 25.50 -15.54
N GLN A 284 -9.02 24.22 -15.35
CA GLN A 284 -8.74 23.33 -16.47
C GLN A 284 -9.95 23.21 -17.38
N LEU A 285 -11.14 23.27 -16.78
CA LEU A 285 -12.39 23.20 -17.53
C LEU A 285 -12.54 24.49 -18.35
N THR A 286 -12.29 25.62 -17.71
CA THR A 286 -12.37 26.92 -18.36
C THR A 286 -11.37 26.98 -19.51
N ASN A 287 -10.16 26.48 -19.27
CA ASN A 287 -9.12 26.48 -20.29
C ASN A 287 -9.56 25.71 -21.53
N HIS A 288 -10.26 24.59 -21.31
CA HIS A 288 -10.74 23.79 -22.43
C HIS A 288 -11.79 24.59 -23.19
N ILE A 289 -12.72 25.20 -22.47
CA ILE A 289 -13.77 26.00 -23.08
C ILE A 289 -13.17 27.09 -23.97
N ARG A 290 -12.32 27.93 -23.38
CA ARG A 290 -11.70 29.01 -24.12
C ARG A 290 -10.80 28.54 -25.25
N ASP A 291 -10.24 27.34 -25.11
CA ASP A 291 -9.36 26.82 -26.15
C ASP A 291 -10.18 26.27 -27.32
N THR A 292 -11.38 25.78 -27.02
CA THR A 292 -12.28 25.21 -28.02
C THR A 292 -13.14 26.25 -28.77
N LEU A 293 -13.41 27.38 -28.12
CA LEU A 293 -14.25 28.42 -28.72
C LEU A 293 -13.83 29.06 -30.05
N PRO A 294 -12.53 29.40 -30.21
CA PRO A 294 -12.10 30.01 -31.47
C PRO A 294 -12.49 29.20 -32.71
N GLY A 295 -12.32 27.88 -32.63
CA GLY A 295 -12.67 27.03 -33.75
C GLY A 295 -14.15 27.08 -34.08
N LEU A 296 -14.98 27.07 -33.03
CA LEU A 296 -16.43 27.13 -33.20
C LEU A 296 -16.87 28.49 -33.70
N ARG A 297 -16.31 29.55 -33.10
CA ARG A 297 -16.61 30.92 -33.45
C ARG A 297 -16.43 31.12 -34.95
N ASN A 298 -15.26 30.72 -35.45
CA ASN A 298 -14.95 30.88 -36.86
C ASN A 298 -15.94 30.09 -37.73
N LYS A 299 -16.23 28.85 -37.32
CA LYS A 299 -17.15 28.01 -38.06
C LYS A 299 -18.53 28.68 -38.16
N LEU A 300 -19.01 29.20 -37.03
CA LEU A 300 -20.30 29.88 -36.99
C LEU A 300 -20.28 31.13 -37.87
N GLN A 301 -19.14 31.83 -37.88
CA GLN A 301 -18.99 33.03 -38.70
C GLN A 301 -19.14 32.69 -40.18
N SER A 302 -18.52 31.58 -40.57
CA SER A 302 -18.56 31.12 -41.95
C SER A 302 -20.00 30.75 -42.34
N GLN A 303 -20.70 30.08 -41.45
CA GLN A 303 -22.08 29.68 -41.71
C GLN A 303 -22.97 30.91 -41.80
N LEU A 304 -22.74 31.88 -40.92
CA LEU A 304 -23.51 33.10 -40.89
C LEU A 304 -23.33 33.89 -42.19
N LEU A 305 -22.06 34.17 -42.55
CA LEU A 305 -21.73 34.92 -43.76
C LEU A 305 -22.55 34.56 -45.00
N SER A 306 -22.75 33.26 -45.22
CA SER A 306 -23.52 32.80 -46.37
C SER A 306 -24.90 33.45 -46.38
N ILE A 307 -25.64 33.25 -45.28
CA ILE A 307 -26.98 33.80 -45.14
C ILE A 307 -26.96 35.32 -45.03
N GLU A 308 -25.95 35.85 -44.35
CA GLU A 308 -25.83 37.29 -44.14
C GLU A 308 -25.68 38.10 -45.41
N LYS A 309 -24.79 37.67 -46.31
CA LYS A 309 -24.59 38.36 -47.58
C LYS A 309 -25.83 38.20 -48.45
N GLU A 310 -26.52 37.08 -48.26
CA GLU A 310 -27.73 36.76 -48.99
C GLU A 310 -28.97 37.44 -48.41
N VAL A 311 -28.84 38.01 -47.22
CA VAL A 311 -29.95 38.70 -46.55
C VAL A 311 -30.73 39.61 -47.48
N ASP A 329 -35.65 30.04 -48.43
CA ASP A 329 -36.47 28.98 -47.86
C ASP A 329 -37.22 29.48 -46.62
N GLU A 330 -37.19 30.78 -46.40
CA GLU A 330 -37.85 31.41 -45.25
C GLU A 330 -37.23 31.01 -43.91
N MET A 331 -36.15 30.24 -43.97
CA MET A 331 -35.45 29.78 -42.77
C MET A 331 -34.56 30.90 -42.23
N LEU A 332 -35.17 32.03 -41.90
CA LEU A 332 -34.45 33.18 -41.37
C LEU A 332 -33.97 32.94 -39.94
N ARG A 333 -34.54 31.92 -39.30
CA ARG A 333 -34.15 31.58 -37.93
C ARG A 333 -32.65 31.34 -37.80
N MET A 334 -32.07 30.67 -38.79
CA MET A 334 -30.63 30.39 -38.76
C MET A 334 -29.82 31.64 -38.50
N TYR A 335 -30.20 32.74 -39.16
CA TYR A 335 -29.50 34.01 -39.00
C TYR A 335 -29.47 34.39 -37.52
N HIS A 336 -30.62 34.32 -36.87
CA HIS A 336 -30.74 34.67 -35.47
C HIS A 336 -30.10 33.67 -34.51
N ALA A 337 -30.20 32.38 -34.84
CA ALA A 337 -29.62 31.34 -34.01
C ALA A 337 -28.10 31.50 -33.97
N LEU A 338 -27.49 31.62 -35.14
CA LEU A 338 -26.06 31.78 -35.28
C LEU A 338 -25.66 33.08 -34.59
N LYS A 339 -26.40 34.14 -34.89
CA LYS A 339 -26.16 35.46 -34.30
C LYS A 339 -26.14 35.36 -32.78
N GLU A 340 -27.07 34.60 -32.23
CA GLU A 340 -27.17 34.40 -30.78
C GLU A 340 -25.92 33.72 -30.23
N ALA A 341 -25.58 32.58 -30.83
CA ALA A 341 -24.40 31.81 -30.40
C ALA A 341 -23.17 32.70 -30.40
N LEU A 342 -22.97 33.44 -31.49
CA LEU A 342 -21.82 34.33 -31.61
C LEU A 342 -21.82 35.41 -30.53
N SER A 343 -23.01 35.89 -30.17
CA SER A 343 -23.14 36.90 -29.14
C SER A 343 -22.73 36.32 -27.78
N ILE A 344 -23.07 35.06 -27.56
CA ILE A 344 -22.73 34.38 -26.32
C ILE A 344 -21.22 34.20 -26.21
N ILE A 345 -20.61 33.71 -27.30
CA ILE A 345 -19.17 33.50 -27.34
C ILE A 345 -18.45 34.79 -27.01
N GLY A 346 -18.90 35.90 -27.63
CA GLY A 346 -18.29 37.19 -27.37
C GLY A 346 -18.38 37.54 -25.90
N ASN A 347 -19.53 37.26 -25.29
CA ASN A 347 -19.73 37.53 -23.87
C ASN A 347 -18.80 36.68 -23.03
N ILE A 348 -18.61 35.43 -23.43
CA ILE A 348 -17.72 34.52 -22.72
C ILE A 348 -16.29 35.02 -22.79
N ASN A 349 -15.87 35.46 -23.97
CA ASN A 349 -14.52 35.98 -24.18
C ASN A 349 -14.28 37.21 -23.29
N THR A 350 -15.37 37.86 -22.88
CA THR A 350 -15.30 39.03 -22.01
C THR A 350 -15.45 38.58 -20.56
N THR A 351 -16.03 37.38 -20.39
CA THR A 351 -16.27 36.77 -19.08
C THR A 351 -17.42 37.46 -18.35
N SER B 5 11.39 -23.48 27.65
CA SER B 5 11.76 -22.22 27.02
C SER B 5 12.70 -22.44 25.84
N MET B 6 12.71 -21.48 24.92
CA MET B 6 13.56 -21.56 23.74
C MET B 6 15.05 -21.55 24.11
N GLU B 7 15.39 -20.83 25.17
CA GLU B 7 16.79 -20.74 25.61
C GLU B 7 17.36 -22.07 26.10
N ASP B 8 16.53 -23.10 26.16
CA ASP B 8 16.97 -24.42 26.58
C ASP B 8 17.38 -25.22 25.35
N LEU B 9 16.58 -25.12 24.30
CA LEU B 9 16.84 -25.84 23.06
C LEU B 9 18.10 -25.33 22.36
N ILE B 10 18.24 -24.01 22.27
CA ILE B 10 19.38 -23.38 21.60
C ILE B 10 20.75 -24.00 21.96
N PRO B 11 21.11 -24.04 23.25
CA PRO B 11 22.39 -24.62 23.67
C PRO B 11 22.57 -26.06 23.19
N LEU B 12 21.49 -26.83 23.25
CA LEU B 12 21.51 -28.23 22.83
C LEU B 12 21.73 -28.35 21.32
N VAL B 13 20.94 -27.62 20.54
CA VAL B 13 21.05 -27.64 19.09
C VAL B 13 22.46 -27.34 18.57
N ASN B 14 23.09 -26.32 19.10
CA ASN B 14 24.44 -25.96 18.65
C ASN B 14 25.39 -27.12 18.95
N ARG B 15 25.30 -27.67 20.15
CA ARG B 15 26.13 -28.80 20.55
C ARG B 15 25.93 -29.97 19.58
N LEU B 16 24.71 -30.10 19.07
CA LEU B 16 24.39 -31.16 18.13
C LEU B 16 25.12 -30.91 16.81
N GLN B 17 24.97 -29.71 16.26
CA GLN B 17 25.64 -29.37 15.01
C GLN B 17 27.16 -29.50 15.15
N ASP B 18 27.66 -29.33 16.36
CA ASP B 18 29.10 -29.47 16.63
C ASP B 18 29.46 -30.95 16.66
N ALA B 19 28.58 -31.75 17.26
CA ALA B 19 28.80 -33.20 17.36
C ALA B 19 28.94 -33.79 15.97
N PHE B 20 28.08 -33.35 15.05
CA PHE B 20 28.12 -33.81 13.67
C PHE B 20 29.44 -33.45 13.00
N SER B 21 29.97 -32.27 13.34
CA SER B 21 31.24 -31.82 12.77
C SER B 21 32.36 -32.78 13.16
N ALA B 22 32.36 -33.21 14.42
CA ALA B 22 33.37 -34.14 14.90
C ALA B 22 33.28 -35.46 14.15
N ILE B 23 32.05 -35.85 13.80
CA ILE B 23 31.80 -37.09 13.08
C ILE B 23 32.07 -36.90 11.58
N GLY B 24 32.20 -35.65 11.15
CA GLY B 24 32.45 -35.35 9.75
C GLY B 24 31.28 -35.67 8.85
N GLN B 25 30.08 -35.64 9.41
CA GLN B 25 28.87 -35.94 8.66
C GLN B 25 28.15 -34.65 8.26
N ASN B 26 27.00 -34.80 7.61
CA ASN B 26 26.20 -33.68 7.18
C ASN B 26 25.45 -33.17 8.41
N ALA B 27 26.00 -32.12 9.04
CA ALA B 27 25.40 -31.53 10.23
C ALA B 27 23.90 -31.29 10.04
N ASP B 28 23.54 -30.94 8.81
CA ASP B 28 22.16 -30.69 8.43
C ASP B 28 21.45 -29.63 9.28
N LEU B 29 20.22 -29.94 9.71
CA LEU B 29 19.39 -29.02 10.49
C LEU B 29 19.17 -27.81 9.60
N ASP B 30 18.81 -28.11 8.35
CA ASP B 30 18.57 -27.10 7.32
C ASP B 30 17.38 -26.21 7.71
N LEU B 31 17.61 -25.33 8.66
CA LEU B 31 16.59 -24.40 9.15
C LEU B 31 16.12 -23.47 8.05
N PRO B 32 14.80 -23.20 8.00
CA PRO B 32 14.24 -22.32 6.97
C PRO B 32 14.82 -20.90 7.04
N GLN B 33 14.92 -20.27 5.88
CA GLN B 33 15.44 -18.92 5.75
C GLN B 33 14.25 -17.97 5.94
N ILE B 34 14.38 -17.01 6.84
CA ILE B 34 13.29 -16.07 7.10
C ILE B 34 13.47 -14.75 6.33
N ALA B 35 12.46 -14.37 5.54
CA ALA B 35 12.52 -13.16 4.76
C ALA B 35 11.30 -12.28 4.97
N VAL B 36 11.52 -10.97 5.03
CA VAL B 36 10.42 -10.01 5.20
C VAL B 36 10.03 -9.39 3.87
N VAL B 37 8.77 -9.50 3.51
CA VAL B 37 8.28 -8.93 2.26
C VAL B 37 7.12 -7.97 2.53
N GLY B 38 6.99 -6.96 1.68
CA GLY B 38 5.92 -6.00 1.83
C GLY B 38 6.20 -4.73 1.05
N GLY B 39 5.18 -3.89 0.94
CA GLY B 39 5.33 -2.64 0.22
C GLY B 39 6.33 -1.76 0.94
N GLN B 40 6.84 -0.74 0.26
CA GLN B 40 7.80 0.17 0.85
C GLN B 40 7.21 0.84 2.10
N SER B 41 7.93 0.73 3.22
CA SER B 41 7.54 1.34 4.49
C SER B 41 6.50 0.55 5.30
N ALA B 42 6.32 -0.73 4.97
CA ALA B 42 5.37 -1.56 5.69
C ALA B 42 5.87 -1.86 7.12
N GLY B 43 7.15 -1.61 7.37
CA GLY B 43 7.70 -1.85 8.70
C GLY B 43 8.47 -3.15 8.80
N LYS B 44 9.02 -3.60 7.68
CA LYS B 44 9.78 -4.84 7.61
C LYS B 44 11.04 -4.90 8.48
N SER B 45 11.94 -3.94 8.31
CA SER B 45 13.19 -3.91 9.07
C SER B 45 12.99 -3.85 10.59
N SER B 46 11.89 -3.24 11.02
CA SER B 46 11.59 -3.16 12.45
C SER B 46 11.21 -4.56 12.93
N VAL B 47 10.35 -5.22 12.17
CA VAL B 47 9.89 -6.56 12.50
C VAL B 47 11.08 -7.53 12.55
N LEU B 48 11.94 -7.45 11.55
CA LEU B 48 13.09 -8.33 11.49
C LEU B 48 14.07 -8.16 12.65
N GLU B 49 14.47 -6.93 12.94
CA GLU B 49 15.40 -6.68 14.04
C GLU B 49 14.76 -7.01 15.39
N ASN B 50 13.45 -6.82 15.49
CA ASN B 50 12.73 -7.11 16.72
C ASN B 50 12.83 -8.61 17.02
N PHE B 51 12.77 -9.43 15.98
CA PHE B 51 12.88 -10.88 16.15
C PHE B 51 14.30 -11.26 16.56
N VAL B 52 15.29 -10.62 15.97
CA VAL B 52 16.69 -10.90 16.31
C VAL B 52 16.94 -10.49 17.76
N GLY B 53 16.30 -9.42 18.18
CA GLY B 53 16.46 -8.95 19.55
C GLY B 53 17.42 -7.79 19.73
N ARG B 54 17.92 -7.24 18.63
CA ARG B 54 18.86 -6.12 18.71
C ARG B 54 18.48 -5.01 17.74
N ASP B 55 18.89 -3.78 18.05
CA ASP B 55 18.61 -2.65 17.18
C ASP B 55 19.87 -2.45 16.33
N PHE B 56 19.75 -2.73 15.04
CA PHE B 56 20.88 -2.59 14.13
C PHE B 56 20.51 -2.40 12.66
N LEU B 57 19.21 -2.44 12.34
CA LEU B 57 18.80 -2.27 10.95
C LEU B 57 18.31 -0.85 10.74
N PRO B 58 18.83 -0.18 9.69
CA PRO B 58 18.40 1.20 9.44
C PRO B 58 16.89 1.22 9.20
N ARG B 59 16.21 2.12 9.91
CA ARG B 59 14.76 2.28 9.81
C ARG B 59 14.48 3.76 9.69
N GLY B 60 13.41 4.11 8.99
CA GLY B 60 13.07 5.51 8.80
C GLY B 60 11.97 5.65 7.78
N SER B 61 11.61 6.90 7.48
CA SER B 61 10.56 7.18 6.51
C SER B 61 11.16 7.28 5.12
N GLY B 62 10.35 7.03 4.10
CA GLY B 62 10.83 7.08 2.74
C GLY B 62 11.53 5.78 2.44
N ILE B 63 12.37 5.77 1.41
CA ILE B 63 13.09 4.56 1.05
C ILE B 63 14.34 4.45 1.92
N VAL B 64 14.44 3.36 2.67
CA VAL B 64 15.57 3.14 3.56
C VAL B 64 16.41 1.94 3.12
N THR B 65 15.82 0.74 3.20
CA THR B 65 16.51 -0.48 2.80
C THR B 65 16.64 -0.47 1.27
N ARG B 66 17.88 -0.25 0.80
CA ARG B 66 18.14 -0.17 -0.64
C ARG B 66 18.96 -1.32 -1.20
N ARG B 67 19.26 -2.30 -0.35
CA ARG B 67 20.03 -3.47 -0.74
C ARG B 67 19.60 -4.63 0.15
N PRO B 68 19.60 -5.85 -0.39
CA PRO B 68 19.21 -6.99 0.43
C PRO B 68 20.24 -7.18 1.52
N LEU B 69 19.80 -7.56 2.71
CA LEU B 69 20.73 -7.81 3.79
C LEU B 69 20.56 -9.27 4.17
N VAL B 70 21.54 -10.09 3.79
CA VAL B 70 21.52 -11.50 4.11
C VAL B 70 22.25 -11.62 5.44
N LEU B 71 21.48 -11.82 6.50
CA LEU B 71 22.00 -11.92 7.85
C LEU B 71 22.07 -13.35 8.35
N GLN B 72 23.24 -13.73 8.84
CA GLN B 72 23.45 -15.07 9.37
C GLN B 72 23.73 -14.95 10.85
N LEU B 73 22.89 -15.61 11.64
CA LEU B 73 23.05 -15.62 13.09
C LEU B 73 23.98 -16.80 13.35
N VAL B 74 25.00 -16.59 14.19
CA VAL B 74 25.95 -17.64 14.50
C VAL B 74 26.10 -17.73 16.00
N ASN B 75 25.77 -18.89 16.57
CA ASN B 75 25.89 -19.06 18.01
C ASN B 75 27.36 -18.96 18.42
N ALA B 76 27.64 -18.08 19.37
CA ALA B 76 29.01 -17.88 19.87
C ALA B 76 28.95 -17.16 21.22
N THR B 77 29.94 -17.41 22.07
CA THR B 77 29.99 -16.81 23.40
C THR B 77 30.46 -15.35 23.44
N THR B 78 31.18 -14.93 22.40
CA THR B 78 31.73 -13.58 22.34
C THR B 78 30.74 -12.44 22.10
N GLU B 79 29.61 -12.75 21.46
CA GLU B 79 28.56 -11.76 21.13
C GLU B 79 29.04 -10.47 20.43
N TYR B 80 29.05 -10.53 19.10
CA TYR B 80 29.49 -9.41 18.26
C TYR B 80 28.94 -9.58 16.85
N ALA B 81 29.41 -8.77 15.90
CA ALA B 81 28.95 -8.88 14.52
C ALA B 81 30.04 -8.46 13.55
N GLU B 82 30.03 -9.06 12.36
CA GLU B 82 31.03 -8.73 11.33
C GLU B 82 30.44 -8.80 9.93
N PHE B 83 30.82 -7.83 9.11
CA PHE B 83 30.36 -7.75 7.73
C PHE B 83 31.38 -8.43 6.84
N LEU B 84 30.91 -9.10 5.80
CA LEU B 84 31.82 -9.78 4.88
C LEU B 84 32.75 -8.75 4.22
N HIS B 85 32.21 -7.58 3.90
CA HIS B 85 33.01 -6.53 3.26
C HIS B 85 33.99 -5.81 4.19
N CYS B 86 33.90 -6.06 5.49
CA CYS B 86 34.80 -5.43 6.45
C CYS B 86 35.72 -6.49 7.02
N LYS B 87 36.57 -7.03 6.14
CA LYS B 87 37.52 -8.07 6.52
C LYS B 87 38.41 -7.63 7.68
N GLY B 88 38.50 -8.47 8.71
CA GLY B 88 39.34 -8.15 9.84
C GLY B 88 38.75 -7.26 10.91
N LYS B 89 37.49 -6.84 10.75
CA LYS B 89 36.87 -6.02 11.78
C LYS B 89 35.62 -6.65 12.35
N LYS B 90 35.48 -6.56 13.66
CA LYS B 90 34.32 -7.10 14.35
C LYS B 90 33.71 -6.00 15.21
N PHE B 91 32.45 -5.71 14.95
CA PHE B 91 31.71 -4.67 15.66
C PHE B 91 31.14 -5.17 16.97
N THR B 92 31.17 -4.31 17.98
CA THR B 92 30.62 -4.63 19.29
C THR B 92 29.47 -3.66 19.59
N ASP B 93 29.49 -2.54 18.88
CA ASP B 93 28.46 -1.52 19.02
C ASP B 93 27.49 -1.72 17.87
N PHE B 94 26.31 -2.25 18.16
CA PHE B 94 25.30 -2.50 17.14
C PHE B 94 24.85 -1.23 16.43
N GLU B 95 25.01 -0.08 17.10
CA GLU B 95 24.66 1.18 16.48
C GLU B 95 25.65 1.41 15.33
N GLU B 96 26.91 1.04 15.56
CA GLU B 96 27.95 1.19 14.53
C GLU B 96 27.62 0.25 13.38
N VAL B 97 26.99 -0.88 13.70
CA VAL B 97 26.57 -1.85 12.69
C VAL B 97 25.50 -1.20 11.82
N ARG B 98 24.55 -0.53 12.46
CA ARG B 98 23.47 0.16 11.75
C ARG B 98 24.08 1.20 10.80
N LEU B 99 24.98 2.02 11.33
CA LEU B 99 25.63 3.06 10.52
C LEU B 99 26.33 2.44 9.33
N GLU B 100 27.01 1.31 9.54
CA GLU B 100 27.73 0.64 8.47
C GLU B 100 26.81 0.14 7.36
N ILE B 101 25.66 -0.42 7.73
CA ILE B 101 24.71 -0.92 6.73
C ILE B 101 24.31 0.26 5.82
N GLU B 102 24.00 1.39 6.44
CA GLU B 102 23.63 2.59 5.67
C GLU B 102 24.80 3.10 4.83
N ALA B 103 25.99 3.18 5.44
CA ALA B 103 27.18 3.66 4.74
C ALA B 103 27.53 2.78 3.55
N GLU B 104 27.48 1.47 3.75
CA GLU B 104 27.78 0.50 2.70
C GLU B 104 26.73 0.58 1.61
N THR B 105 25.50 0.92 1.98
CA THR B 105 24.44 1.06 0.99
C THR B 105 24.72 2.31 0.15
N ASP B 106 24.98 3.42 0.82
CA ASP B 106 25.26 4.68 0.14
C ASP B 106 26.45 4.56 -0.82
N ARG B 107 27.47 3.82 -0.42
CA ARG B 107 28.65 3.62 -1.22
C ARG B 107 28.33 3.03 -2.59
N VAL B 108 27.34 2.14 -2.64
CA VAL B 108 26.97 1.48 -3.89
C VAL B 108 25.71 2.04 -4.57
N THR B 109 24.83 2.65 -3.81
CA THR B 109 23.58 3.18 -4.37
C THR B 109 23.53 4.70 -4.48
N GLY B 110 24.37 5.38 -3.70
CA GLY B 110 24.35 6.82 -3.70
C GLY B 110 23.28 7.29 -2.71
N THR B 111 22.99 8.58 -2.69
CA THR B 111 22.00 9.10 -1.77
C THR B 111 20.80 9.70 -2.50
N ASN B 112 20.48 9.16 -3.67
CA ASN B 112 19.36 9.67 -4.43
C ASN B 112 18.35 8.59 -4.79
N LYS B 113 17.91 7.85 -3.77
CA LYS B 113 16.92 6.79 -3.90
C LYS B 113 17.28 5.54 -4.68
N GLY B 114 18.49 5.48 -5.23
CA GLY B 114 18.89 4.32 -5.99
C GLY B 114 18.98 3.04 -5.17
N ILE B 115 18.78 1.91 -5.84
CA ILE B 115 18.85 0.61 -5.19
C ILE B 115 19.91 -0.26 -5.85
N SER B 116 20.18 -1.41 -5.25
CA SER B 116 21.17 -2.35 -5.79
C SER B 116 20.77 -3.76 -5.37
N PRO B 117 20.83 -4.72 -6.31
CA PRO B 117 20.48 -6.11 -6.03
C PRO B 117 21.60 -6.87 -5.31
N VAL B 118 22.78 -6.27 -5.25
CA VAL B 118 23.93 -6.88 -4.61
C VAL B 118 23.70 -6.89 -3.11
N PRO B 119 23.53 -8.08 -2.52
CA PRO B 119 23.28 -8.20 -1.07
C PRO B 119 24.45 -7.82 -0.18
N ILE B 120 24.13 -7.42 1.04
CA ILE B 120 25.12 -7.06 2.04
C ILE B 120 25.15 -8.25 3.00
N ASN B 121 26.31 -8.89 3.09
CA ASN B 121 26.47 -10.05 3.95
C ASN B 121 26.92 -9.63 5.35
N LEU B 122 26.17 -10.06 6.35
CA LEU B 122 26.44 -9.75 7.74
C LEU B 122 26.22 -10.97 8.62
N ARG B 123 27.09 -11.16 9.60
CA ARG B 123 26.98 -12.27 10.52
C ARG B 123 26.97 -11.76 11.94
N VAL B 124 25.93 -12.14 12.69
CA VAL B 124 25.78 -11.73 14.08
C VAL B 124 26.05 -12.93 15.00
N TYR B 125 27.10 -12.81 15.80
CA TYR B 125 27.48 -13.86 16.73
C TYR B 125 26.90 -13.56 18.11
N SER B 126 26.21 -14.53 18.69
CA SER B 126 25.60 -14.37 20.01
C SER B 126 25.27 -15.75 20.56
N PRO B 127 25.33 -15.91 21.89
CA PRO B 127 25.03 -17.21 22.50
C PRO B 127 23.52 -17.45 22.64
N HIS B 128 22.73 -16.43 22.33
CA HIS B 128 21.27 -16.53 22.44
C HIS B 128 20.59 -16.74 21.10
N VAL B 129 21.31 -17.26 20.11
CA VAL B 129 20.72 -17.47 18.79
C VAL B 129 21.00 -18.83 18.18
N LEU B 130 20.15 -19.20 17.23
CA LEU B 130 20.28 -20.44 16.49
C LEU B 130 20.91 -20.04 15.16
N ASN B 131 21.65 -20.95 14.55
CA ASN B 131 22.30 -20.68 13.28
C ASN B 131 21.24 -20.52 12.19
N LEU B 132 20.73 -19.30 12.06
CA LEU B 132 19.68 -18.97 11.10
C LEU B 132 20.12 -17.97 10.03
N THR B 133 19.33 -17.90 8.97
CA THR B 133 19.57 -16.97 7.88
C THR B 133 18.32 -16.11 7.76
N LEU B 134 18.48 -14.81 8.00
CA LEU B 134 17.38 -13.87 7.88
C LEU B 134 17.68 -12.96 6.71
N VAL B 135 16.65 -12.52 5.99
CA VAL B 135 16.82 -11.67 4.83
C VAL B 135 15.96 -10.40 4.88
N ASP B 136 16.62 -9.25 4.99
CA ASP B 136 15.95 -7.97 5.00
C ASP B 136 15.95 -7.52 3.55
N LEU B 137 14.80 -7.08 3.06
CA LEU B 137 14.68 -6.68 1.68
C LEU B 137 14.04 -5.31 1.50
N PRO B 138 14.29 -4.68 0.34
CA PRO B 138 13.72 -3.35 0.05
C PRO B 138 12.22 -3.49 -0.15
N GLY B 139 11.48 -2.43 0.18
CA GLY B 139 10.04 -2.48 0.03
C GLY B 139 9.59 -2.36 -1.41
N MET B 140 8.52 -3.07 -1.74
CA MET B 140 7.99 -3.02 -3.12
C MET B 140 7.37 -1.66 -3.40
N THR B 141 7.49 -1.20 -4.63
CA THR B 141 6.95 0.10 -5.03
C THR B 141 6.23 0.00 -6.37
N LYS B 142 5.62 1.10 -6.78
CA LYS B 142 4.87 1.17 -8.03
C LYS B 142 5.34 2.23 -9.03
N VAL B 143 5.88 3.34 -8.54
CA VAL B 143 6.38 4.42 -9.40
C VAL B 143 7.77 4.84 -8.92
N PRO B 144 8.71 5.05 -9.87
CA PRO B 144 10.09 5.47 -9.55
C PRO B 144 10.25 6.89 -9.03
N VAL B 145 11.32 7.10 -8.27
CA VAL B 145 11.64 8.41 -7.70
C VAL B 145 13.16 8.51 -7.72
N GLY B 146 13.67 9.75 -7.71
CA GLY B 146 15.11 9.94 -7.72
C GLY B 146 15.71 9.38 -9.00
N ASP B 147 16.84 8.69 -8.90
CA ASP B 147 17.45 8.12 -10.10
C ASP B 147 17.19 6.63 -10.27
N GLN B 148 16.01 6.20 -9.84
CA GLN B 148 15.61 4.80 -9.97
C GLN B 148 15.14 4.57 -11.40
N PRO B 149 15.38 3.37 -11.95
CA PRO B 149 14.96 3.09 -13.32
C PRO B 149 13.43 3.00 -13.42
N PRO B 150 12.88 3.17 -14.63
CA PRO B 150 11.43 3.10 -14.83
C PRO B 150 10.84 1.71 -14.52
N ASP B 151 11.71 0.71 -14.37
CA ASP B 151 11.28 -0.65 -14.06
C ASP B 151 11.64 -1.01 -12.61
N ILE B 152 11.70 0.01 -11.77
CA ILE B 152 12.05 -0.16 -10.36
C ILE B 152 11.22 -1.23 -9.66
N GLU B 153 9.91 -1.26 -9.95
CA GLU B 153 9.01 -2.23 -9.34
C GLU B 153 9.47 -3.67 -9.56
N PHE B 154 9.85 -3.99 -10.78
CA PHE B 154 10.27 -5.34 -11.13
C PHE B 154 11.66 -5.69 -10.64
N GLN B 155 12.54 -4.71 -10.55
CA GLN B 155 13.90 -4.97 -10.04
C GLN B 155 13.77 -5.31 -8.56
N ILE B 156 12.86 -4.63 -7.87
CA ILE B 156 12.65 -4.90 -6.43
C ILE B 156 11.96 -6.24 -6.27
N ARG B 157 10.95 -6.48 -7.10
CA ARG B 157 10.22 -7.73 -7.05
C ARG B 157 11.14 -8.92 -7.33
N ASP B 158 11.98 -8.81 -8.35
CA ASP B 158 12.92 -9.88 -8.71
C ASP B 158 13.89 -10.12 -7.56
N MET B 159 14.29 -9.03 -6.92
CA MET B 159 15.21 -9.07 -5.80
C MET B 159 14.62 -9.95 -4.69
N LEU B 160 13.33 -9.77 -4.43
CA LEU B 160 12.65 -10.55 -3.39
C LEU B 160 12.44 -12.00 -3.84
N MET B 161 12.00 -12.15 -5.09
CA MET B 161 11.72 -13.47 -5.67
C MET B 161 12.88 -14.46 -5.58
N GLN B 162 14.11 -13.96 -5.64
CA GLN B 162 15.27 -14.84 -5.54
C GLN B 162 15.32 -15.53 -4.17
N PHE B 163 14.69 -14.92 -3.18
CA PHE B 163 14.68 -15.48 -1.84
C PHE B 163 13.39 -16.23 -1.49
N VAL B 164 12.24 -15.62 -1.77
CA VAL B 164 10.95 -16.22 -1.44
C VAL B 164 10.48 -17.41 -2.27
N THR B 165 11.15 -17.70 -3.38
CA THR B 165 10.75 -18.83 -4.21
C THR B 165 11.24 -20.15 -3.61
N LYS B 166 12.35 -20.09 -2.88
CA LYS B 166 12.95 -21.25 -2.24
C LYS B 166 11.93 -21.94 -1.35
N GLU B 167 11.80 -23.25 -1.51
CA GLU B 167 10.86 -24.07 -0.73
C GLU B 167 11.05 -23.93 0.77
N ASN B 168 12.30 -23.70 1.19
CA ASN B 168 12.59 -23.57 2.62
C ASN B 168 12.74 -22.14 3.09
N CYS B 169 11.84 -21.26 2.64
CA CYS B 169 11.88 -19.86 3.06
C CYS B 169 10.59 -19.47 3.77
N LEU B 170 10.74 -19.05 5.01
CA LEU B 170 9.62 -18.61 5.83
C LEU B 170 9.32 -17.16 5.46
N ILE B 171 8.14 -16.94 4.89
CA ILE B 171 7.73 -15.61 4.46
C ILE B 171 6.96 -14.80 5.50
N LEU B 172 7.55 -13.66 5.87
CA LEU B 172 6.88 -12.76 6.79
C LEU B 172 6.20 -11.70 5.91
N ALA B 173 4.94 -11.93 5.60
CA ALA B 173 4.17 -11.00 4.78
C ALA B 173 3.74 -9.82 5.65
N VAL B 174 4.49 -8.73 5.55
CA VAL B 174 4.24 -7.51 6.34
C VAL B 174 3.33 -6.49 5.64
N SER B 175 2.25 -6.11 6.31
CA SER B 175 1.31 -5.13 5.77
C SER B 175 0.90 -4.13 6.86
N PRO B 176 0.94 -2.82 6.55
CA PRO B 176 0.55 -1.82 7.55
C PRO B 176 -0.97 -1.78 7.69
N ALA B 177 -1.44 -1.65 8.93
CA ALA B 177 -2.88 -1.61 9.20
C ALA B 177 -3.59 -0.38 8.62
N ASN B 178 -2.89 0.74 8.55
CA ASN B 178 -3.48 1.98 8.03
C ASN B 178 -3.59 1.99 6.51
N SER B 179 -3.61 0.79 5.91
CA SER B 179 -3.75 0.61 4.48
C SER B 179 -4.68 -0.57 4.34
N ASP B 180 -5.39 -0.69 3.22
CA ASP B 180 -6.30 -1.81 3.03
C ASP B 180 -5.54 -3.08 2.68
N LEU B 181 -5.78 -4.13 3.45
CA LEU B 181 -5.15 -5.42 3.26
C LEU B 181 -5.31 -6.02 1.87
N ALA B 182 -6.47 -5.81 1.24
CA ALA B 182 -6.72 -6.36 -0.09
C ALA B 182 -5.80 -5.76 -1.14
N ASN B 183 -5.15 -4.65 -0.78
CA ASN B 183 -4.25 -3.97 -1.69
C ASN B 183 -2.80 -4.20 -1.27
N SER B 184 -2.58 -5.22 -0.45
CA SER B 184 -1.24 -5.55 0.04
C SER B 184 -0.32 -6.30 -0.94
N ASP B 185 0.81 -5.67 -1.24
CA ASP B 185 1.80 -6.27 -2.13
C ASP B 185 2.39 -7.53 -1.49
N ALA B 186 2.50 -7.51 -0.16
CA ALA B 186 3.05 -8.64 0.57
C ALA B 186 2.20 -9.89 0.38
N LEU B 187 0.88 -9.74 0.47
CA LEU B 187 -0.02 -10.88 0.31
C LEU B 187 -0.13 -11.37 -1.14
N LYS B 188 0.05 -10.46 -2.09
CA LYS B 188 0.00 -10.85 -3.50
C LYS B 188 1.22 -11.74 -3.77
N VAL B 189 2.38 -11.27 -3.36
CA VAL B 189 3.64 -12.01 -3.53
C VAL B 189 3.58 -13.39 -2.87
N ALA B 190 3.25 -13.40 -1.58
CA ALA B 190 3.16 -14.63 -0.80
C ALA B 190 2.20 -15.68 -1.39
N LYS B 191 1.08 -15.22 -1.93
CA LYS B 191 0.09 -16.12 -2.53
C LYS B 191 0.60 -16.71 -3.84
N GLU B 192 1.40 -15.95 -4.58
CA GLU B 192 1.95 -16.41 -5.84
C GLU B 192 2.95 -17.54 -5.63
N VAL B 193 3.88 -17.35 -4.71
CA VAL B 193 4.90 -18.35 -4.43
C VAL B 193 4.47 -19.46 -3.47
N ASP B 194 3.56 -19.14 -2.56
CA ASP B 194 3.07 -20.11 -1.60
C ASP B 194 1.55 -19.99 -1.44
N PRO B 195 0.80 -20.46 -2.46
CA PRO B 195 -0.66 -20.43 -2.48
C PRO B 195 -1.33 -21.10 -1.28
N GLN B 196 -0.77 -22.21 -0.83
CA GLN B 196 -1.34 -22.94 0.30
C GLN B 196 -1.14 -22.24 1.64
N GLY B 197 -0.16 -21.35 1.70
CA GLY B 197 0.10 -20.63 2.93
C GLY B 197 0.89 -21.46 3.94
N GLN B 198 1.62 -22.47 3.44
CA GLN B 198 2.42 -23.35 4.28
C GLN B 198 3.59 -22.68 4.97
N ARG B 199 4.15 -21.66 4.34
CA ARG B 199 5.28 -20.96 4.93
C ARG B 199 5.10 -19.46 5.03
N THR B 200 3.85 -19.02 5.00
CA THR B 200 3.54 -17.59 5.09
C THR B 200 2.99 -17.22 6.46
N ILE B 201 3.48 -16.12 7.01
CA ILE B 201 3.01 -15.61 8.30
C ILE B 201 2.60 -14.15 8.08
N GLY B 202 1.34 -13.86 8.33
CA GLY B 202 0.84 -12.51 8.15
C GLY B 202 1.16 -11.62 9.34
N VAL B 203 1.91 -10.56 9.10
CA VAL B 203 2.27 -9.61 10.15
C VAL B 203 1.63 -8.27 9.82
N ILE B 204 0.85 -7.75 10.77
CA ILE B 204 0.17 -6.49 10.59
C ILE B 204 0.84 -5.47 11.50
N THR B 205 1.34 -4.39 10.92
CA THR B 205 2.00 -3.34 11.67
C THR B 205 1.13 -2.09 11.72
N LYS B 206 1.69 -1.04 12.30
CA LYS B 206 1.06 0.26 12.40
C LYS B 206 -0.40 0.32 12.82
N LEU B 207 -0.80 -0.58 13.72
CA LEU B 207 -2.16 -0.61 14.23
C LEU B 207 -2.47 0.64 15.03
N ASP B 208 -1.41 1.27 15.53
CA ASP B 208 -1.54 2.49 16.32
C ASP B 208 -1.83 3.70 15.43
N LEU B 209 -1.67 3.52 14.12
CA LEU B 209 -1.90 4.61 13.18
C LEU B 209 -3.23 4.54 12.43
N MET B 210 -4.08 3.57 12.77
CA MET B 210 -5.36 3.43 12.09
C MET B 210 -6.30 4.62 12.32
N ASP B 211 -7.11 4.90 11.30
CA ASP B 211 -8.06 6.00 11.34
C ASP B 211 -9.06 5.83 12.48
N GLU B 212 -9.43 6.94 13.11
CA GLU B 212 -10.39 6.87 14.19
C GLU B 212 -11.69 6.34 13.61
N GLY B 213 -12.33 5.42 14.32
CA GLY B 213 -13.57 4.82 13.86
C GLY B 213 -13.37 3.51 13.10
N THR B 214 -12.13 3.06 13.00
CA THR B 214 -11.81 1.81 12.29
C THR B 214 -10.90 0.96 13.17
N ASP B 215 -10.77 -0.31 12.81
CA ASP B 215 -9.92 -1.26 13.51
C ASP B 215 -9.64 -2.46 12.60
N ALA B 216 -8.62 -3.25 12.91
CA ALA B 216 -8.28 -4.39 12.08
C ALA B 216 -8.71 -5.72 12.71
N ARG B 217 -9.81 -5.70 13.47
CA ARG B 217 -10.29 -6.90 14.13
C ARG B 217 -10.56 -8.04 13.15
N ASP B 218 -11.31 -7.75 12.09
CA ASP B 218 -11.64 -8.75 11.08
C ASP B 218 -10.39 -9.33 10.42
N VAL B 219 -9.36 -8.51 10.29
CA VAL B 219 -8.10 -8.94 9.70
C VAL B 219 -7.39 -9.89 10.67
N LEU B 220 -7.17 -9.40 11.89
CA LEU B 220 -6.48 -10.14 12.94
C LEU B 220 -7.19 -11.43 13.36
N GLU B 221 -8.49 -11.49 13.13
CA GLU B 221 -9.26 -12.68 13.46
C GLU B 221 -9.28 -13.65 12.27
N ASN B 222 -8.40 -13.38 11.30
CA ASN B 222 -8.25 -14.22 10.11
C ASN B 222 -9.57 -14.37 9.35
N LYS B 223 -10.39 -13.32 9.34
CA LYS B 223 -11.68 -13.38 8.67
C LYS B 223 -11.85 -12.59 7.38
N LEU B 224 -11.15 -11.46 7.25
CA LEU B 224 -11.26 -10.67 6.03
C LEU B 224 -10.59 -11.38 4.87
N LEU B 225 -9.34 -11.77 5.09
CA LEU B 225 -8.52 -12.46 4.10
C LEU B 225 -7.81 -13.56 4.87
N PRO B 226 -8.47 -14.72 4.99
CA PRO B 226 -7.91 -15.85 5.72
C PRO B 226 -6.60 -16.44 5.17
N LEU B 227 -5.64 -16.64 6.06
CA LEU B 227 -4.36 -17.24 5.73
C LEU B 227 -4.32 -18.53 6.52
N ARG B 228 -3.63 -19.54 5.99
CA ARG B 228 -3.55 -20.83 6.68
C ARG B 228 -3.00 -20.71 8.09
N ARG B 229 -2.01 -19.83 8.26
CA ARG B 229 -1.36 -19.62 9.55
C ARG B 229 -1.85 -18.38 10.31
N GLY B 230 -2.84 -17.68 9.76
CA GLY B 230 -3.38 -16.51 10.43
C GLY B 230 -2.51 -15.25 10.39
N TYR B 231 -2.82 -14.32 11.29
CA TYR B 231 -2.13 -13.04 11.38
C TYR B 231 -1.71 -12.67 12.80
N ILE B 232 -0.66 -11.85 12.89
CA ILE B 232 -0.15 -11.38 14.17
C ILE B 232 0.10 -9.88 14.02
N GLY B 233 -0.50 -9.09 14.89
CA GLY B 233 -0.30 -7.66 14.82
C GLY B 233 0.80 -7.20 15.76
N VAL B 234 1.47 -6.12 15.41
CA VAL B 234 2.55 -5.58 16.23
C VAL B 234 2.50 -4.07 16.16
N VAL B 235 3.04 -3.42 17.18
CA VAL B 235 3.10 -1.98 17.24
C VAL B 235 4.56 -1.59 17.45
N ASN B 236 5.20 -1.15 16.36
CA ASN B 236 6.60 -0.76 16.41
C ASN B 236 6.77 0.74 16.64
N ARG B 237 8.01 1.15 16.82
CA ARG B 237 8.35 2.54 17.06
C ARG B 237 8.04 3.43 15.87
N SER B 238 7.48 4.61 16.14
CA SER B 238 7.13 5.58 15.11
C SER B 238 8.40 6.36 14.76
N GLN B 239 8.31 7.22 13.74
CA GLN B 239 9.46 8.02 13.33
C GLN B 239 9.90 8.92 14.47
N LYS B 240 8.93 9.52 15.18
CA LYS B 240 9.24 10.38 16.30
C LYS B 240 10.01 9.54 17.33
N ASP B 241 9.56 8.31 17.54
CA ASP B 241 10.21 7.40 18.48
C ASP B 241 11.66 7.13 18.08
N ILE B 242 11.90 6.96 16.78
CA ILE B 242 13.26 6.71 16.30
C ILE B 242 14.11 7.95 16.56
N ASP B 243 13.58 9.11 16.19
CA ASP B 243 14.29 10.39 16.38
C ASP B 243 14.62 10.59 17.87
N GLY B 244 13.69 10.23 18.74
CA GLY B 244 13.91 10.38 20.17
C GLY B 244 14.69 9.25 20.84
N LYS B 245 15.19 8.31 20.04
CA LYS B 245 15.96 7.18 20.56
C LYS B 245 15.20 6.30 21.55
N LYS B 246 13.88 6.20 21.39
CA LYS B 246 13.07 5.38 22.30
C LYS B 246 13.60 3.95 22.32
N ASP B 247 13.92 3.47 23.52
CA ASP B 247 14.47 2.13 23.69
C ASP B 247 13.46 1.00 23.51
N ILE B 248 13.97 -0.19 23.22
CA ILE B 248 13.16 -1.38 22.98
C ILE B 248 12.16 -1.71 24.09
N THR B 249 12.59 -1.67 25.34
CA THR B 249 11.71 -1.97 26.46
C THR B 249 10.46 -1.08 26.47
N ALA B 250 10.65 0.22 26.26
CA ALA B 250 9.54 1.16 26.25
C ALA B 250 8.59 0.87 25.09
N ALA B 251 9.15 0.59 23.91
CA ALA B 251 8.34 0.28 22.73
C ALA B 251 7.51 -0.98 22.99
N LEU B 252 8.15 -1.98 23.58
CA LEU B 252 7.48 -3.24 23.90
C LEU B 252 6.35 -3.02 24.89
N ALA B 253 6.63 -2.22 25.93
CA ALA B 253 5.64 -1.92 26.96
C ALA B 253 4.44 -1.18 26.35
N ALA B 254 4.72 -0.24 25.46
CA ALA B 254 3.68 0.53 24.78
C ALA B 254 2.85 -0.37 23.87
N GLU B 255 3.49 -1.35 23.25
CA GLU B 255 2.82 -2.29 22.36
C GLU B 255 1.85 -3.17 23.15
N ARG B 256 2.32 -3.71 24.27
CA ARG B 256 1.48 -4.57 25.10
C ARG B 256 0.30 -3.77 25.65
N LYS B 257 0.58 -2.56 26.11
CA LYS B 257 -0.45 -1.68 26.66
C LYS B 257 -1.49 -1.40 25.58
N PHE B 258 -1.03 -1.23 24.35
CA PHE B 258 -1.92 -0.95 23.23
C PHE B 258 -2.96 -2.05 23.02
N PHE B 259 -2.50 -3.30 22.96
CA PHE B 259 -3.44 -4.39 22.73
C PHE B 259 -4.39 -4.64 23.90
N LEU B 260 -3.89 -4.47 25.11
CA LEU B 260 -4.69 -4.66 26.31
C LEU B 260 -5.74 -3.58 26.53
N SER B 261 -5.47 -2.36 26.06
CA SER B 261 -6.42 -1.27 26.24
C SER B 261 -7.39 -1.05 25.09
N HIS B 262 -7.08 -1.61 23.92
CA HIS B 262 -7.95 -1.44 22.77
C HIS B 262 -9.13 -2.39 22.84
N PRO B 263 -10.36 -1.84 22.94
CA PRO B 263 -11.60 -2.62 23.03
C PRO B 263 -11.81 -3.66 21.93
N SER B 264 -11.27 -3.40 20.74
CA SER B 264 -11.42 -4.33 19.63
C SER B 264 -10.38 -5.44 19.59
N TYR B 265 -9.28 -5.29 20.35
CA TYR B 265 -8.21 -6.29 20.36
C TYR B 265 -7.97 -6.98 21.70
N ARG B 266 -8.50 -6.41 22.78
CA ARG B 266 -8.32 -6.96 24.14
C ARG B 266 -8.41 -8.48 24.25
N HIS B 267 -9.49 -9.06 23.73
CA HIS B 267 -9.66 -10.51 23.80
C HIS B 267 -8.63 -11.28 22.96
N LEU B 268 -7.92 -10.57 22.08
CA LEU B 268 -6.92 -11.19 21.22
C LEU B 268 -5.50 -10.87 21.68
N ALA B 269 -5.37 -9.98 22.65
CA ALA B 269 -4.08 -9.54 23.16
C ALA B 269 -3.00 -10.61 23.33
N ASP B 270 -3.40 -11.80 23.77
CA ASP B 270 -2.44 -12.89 24.01
C ASP B 270 -1.90 -13.58 22.77
N ARG B 271 -2.44 -13.23 21.60
CA ARG B 271 -1.99 -13.78 20.34
C ARG B 271 -1.55 -12.61 19.47
N MET B 272 -1.13 -11.53 20.12
CA MET B 272 -0.69 -10.33 19.42
C MET B 272 0.59 -9.82 20.05
N GLY B 273 1.35 -9.05 19.28
CA GLY B 273 2.60 -8.48 19.79
C GLY B 273 3.87 -9.17 19.35
N THR B 274 4.96 -8.41 19.40
CA THR B 274 6.29 -8.87 19.02
C THR B 274 6.73 -10.12 19.79
N PRO B 275 6.56 -10.15 21.12
CA PRO B 275 6.97 -11.35 21.87
C PRO B 275 6.22 -12.57 21.35
N TYR B 276 4.96 -12.39 20.99
CA TYR B 276 4.17 -13.51 20.47
C TYR B 276 4.67 -13.95 19.10
N LEU B 277 5.02 -12.99 18.24
CA LEU B 277 5.53 -13.31 16.91
C LEU B 277 6.85 -14.08 17.06
N GLN B 278 7.63 -13.69 18.07
CA GLN B 278 8.90 -14.34 18.34
C GLN B 278 8.64 -15.81 18.68
N LYS B 279 7.65 -16.03 19.54
CA LYS B 279 7.27 -17.37 19.96
C LYS B 279 6.80 -18.21 18.76
N VAL B 280 5.88 -17.66 17.97
CA VAL B 280 5.36 -18.35 16.78
C VAL B 280 6.46 -18.73 15.80
N LEU B 281 7.34 -17.79 15.50
CA LEU B 281 8.43 -18.05 14.57
C LEU B 281 9.30 -19.16 15.13
N ASN B 282 9.61 -19.06 16.42
CA ASN B 282 10.44 -20.05 17.10
C ASN B 282 9.79 -21.43 17.06
N GLN B 283 8.46 -21.47 17.13
CA GLN B 283 7.75 -22.74 17.09
C GLN B 283 7.98 -23.44 15.74
N GLN B 284 7.87 -22.69 14.65
CA GLN B 284 8.07 -23.26 13.31
C GLN B 284 9.50 -23.77 13.16
N LEU B 285 10.46 -23.02 13.69
CA LEU B 285 11.88 -23.41 13.64
C LEU B 285 12.07 -24.72 14.41
N THR B 286 11.56 -24.76 15.64
CA THR B 286 11.66 -25.94 16.49
C THR B 286 11.01 -27.16 15.82
N ASN B 287 9.85 -26.94 15.21
CA ASN B 287 9.15 -28.00 14.54
C ASN B 287 9.96 -28.60 13.40
N HIS B 288 10.67 -27.73 12.67
CA HIS B 288 11.50 -28.19 11.57
C HIS B 288 12.60 -29.09 12.13
N ILE B 289 13.23 -28.64 13.20
CA ILE B 289 14.29 -29.39 13.84
C ILE B 289 13.80 -30.77 14.28
N ARG B 290 12.66 -30.78 15.00
CA ARG B 290 12.10 -32.03 15.48
C ARG B 290 11.73 -32.99 14.35
N ASP B 291 11.33 -32.44 13.21
CA ASP B 291 10.99 -33.27 12.06
C ASP B 291 12.25 -33.90 11.45
N THR B 292 13.38 -33.23 11.63
CA THR B 292 14.67 -33.67 11.11
C THR B 292 15.39 -34.70 11.99
N LEU B 293 15.17 -34.63 13.29
CA LEU B 293 15.81 -35.52 14.26
C LEU B 293 15.72 -37.04 13.99
N PRO B 294 14.51 -37.57 13.74
CA PRO B 294 14.36 -39.01 13.50
C PRO B 294 15.30 -39.53 12.40
N GLY B 295 15.40 -38.78 11.31
CA GLY B 295 16.28 -39.19 10.23
C GLY B 295 17.73 -39.21 10.66
N LEU B 296 18.16 -38.13 11.30
CA LEU B 296 19.53 -38.00 11.78
C LEU B 296 19.88 -39.08 12.81
N ARG B 297 18.97 -39.29 13.76
CA ARG B 297 19.15 -40.29 14.79
C ARG B 297 19.37 -41.67 14.16
N ASN B 298 18.50 -42.04 13.22
CA ASN B 298 18.60 -43.33 12.55
C ASN B 298 19.92 -43.49 11.83
N LYS B 299 20.32 -42.46 11.10
CA LYS B 299 21.59 -42.48 10.36
C LYS B 299 22.75 -42.71 11.33
N LEU B 300 22.71 -42.04 12.47
CA LEU B 300 23.74 -42.15 13.48
C LEU B 300 23.76 -43.56 14.10
N GLN B 301 22.58 -44.06 14.44
CA GLN B 301 22.44 -45.40 15.03
C GLN B 301 23.05 -46.45 14.12
N SER B 302 22.69 -46.41 12.84
CA SER B 302 23.20 -47.37 11.87
C SER B 302 24.73 -47.37 11.86
N GLN B 303 25.31 -46.18 11.81
CA GLN B 303 26.76 -46.03 11.81
C GLN B 303 27.39 -46.54 13.11
N LEU B 304 26.74 -46.26 14.23
CA LEU B 304 27.22 -46.67 15.54
C LEU B 304 27.25 -48.20 15.64
N LEU B 305 26.07 -48.81 15.56
CA LEU B 305 25.89 -50.25 15.64
C LEU B 305 26.98 -51.02 14.89
N SER B 306 27.39 -50.49 13.74
CA SER B 306 28.43 -51.11 12.93
C SER B 306 29.72 -51.32 13.72
N ILE B 307 30.28 -50.24 14.26
CA ILE B 307 31.50 -50.30 15.02
C ILE B 307 31.29 -50.73 16.48
N GLU B 308 30.04 -50.73 16.93
CA GLU B 308 29.68 -51.10 18.30
C GLU B 308 30.35 -52.40 18.71
N LYS B 309 30.21 -53.43 17.87
CA LYS B 309 30.80 -54.74 18.15
C LYS B 309 32.33 -54.69 18.23
N GLU B 310 32.94 -53.86 17.37
CA GLU B 310 34.39 -53.72 17.38
C GLU B 310 34.86 -53.11 18.69
N VAL B 311 34.08 -52.17 19.22
CA VAL B 311 34.42 -51.53 20.48
C VAL B 311 34.24 -52.53 21.61
N GLU B 312 33.19 -53.35 21.48
CA GLU B 312 32.88 -54.38 22.48
C GLU B 312 34.04 -55.33 22.69
N GLU B 313 34.63 -55.81 21.60
CA GLU B 313 35.75 -56.73 21.71
C GLU B 313 37.03 -56.06 22.19
N TYR B 314 37.24 -54.80 21.80
CA TYR B 314 38.43 -54.05 22.21
C TYR B 314 38.50 -53.92 23.74
N LYS B 315 37.36 -53.68 24.37
CA LYS B 315 37.31 -53.52 25.81
C LYS B 315 37.26 -54.83 26.59
N ASN B 316 37.08 -55.95 25.89
CA ASN B 316 36.98 -57.23 26.58
C ASN B 316 38.07 -58.27 26.31
N PHE B 317 38.80 -58.13 25.22
CA PHE B 317 39.82 -59.11 24.88
C PHE B 317 41.22 -58.55 24.71
N ARG B 318 42.19 -59.45 24.85
CA ARG B 318 43.61 -59.12 24.74
C ARG B 318 43.93 -58.22 23.54
N PRO B 319 44.74 -57.17 23.77
CA PRO B 319 45.12 -56.23 22.71
C PRO B 319 45.96 -56.90 21.61
N ARG B 327 46.73 -45.21 14.49
CA ARG B 327 46.15 -46.35 15.19
C ARG B 327 44.68 -46.50 14.80
N VAL B 328 44.14 -47.70 14.95
CA VAL B 328 42.75 -47.98 14.61
C VAL B 328 41.78 -47.37 15.64
N ASP B 329 42.34 -46.70 16.66
CA ASP B 329 41.53 -46.07 17.69
C ASP B 329 40.64 -44.92 17.20
N GLU B 330 40.68 -44.69 15.89
CA GLU B 330 39.84 -43.69 15.25
C GLU B 330 38.41 -44.14 15.57
N MET B 331 38.28 -45.46 15.73
CA MET B 331 37.02 -46.10 16.06
C MET B 331 36.48 -45.56 17.38
N LEU B 332 37.32 -45.52 18.40
CA LEU B 332 36.91 -45.02 19.71
C LEU B 332 36.43 -43.58 19.60
N ARG B 333 37.17 -42.75 18.87
CA ARG B 333 36.80 -41.36 18.68
C ARG B 333 35.40 -41.28 18.08
N MET B 334 35.17 -42.05 17.03
CA MET B 334 33.89 -42.10 16.35
C MET B 334 32.79 -42.62 17.26
N TYR B 335 33.12 -43.64 18.03
CA TYR B 335 32.18 -44.25 18.95
C TYR B 335 31.67 -43.19 19.92
N HIS B 336 32.61 -42.47 20.52
CA HIS B 336 32.26 -41.42 21.47
C HIS B 336 31.52 -40.26 20.84
N ALA B 337 31.97 -39.83 19.66
CA ALA B 337 31.32 -38.72 18.98
C ALA B 337 29.87 -39.10 18.64
N LEU B 338 29.68 -40.31 18.12
CA LEU B 338 28.35 -40.80 17.77
C LEU B 338 27.49 -40.90 19.01
N LYS B 339 28.05 -41.45 20.08
CA LYS B 339 27.32 -41.57 21.34
C LYS B 339 26.87 -40.19 21.80
N GLU B 340 27.79 -39.23 21.74
CA GLU B 340 27.52 -37.85 22.13
C GLU B 340 26.32 -37.28 21.36
N ALA B 341 26.35 -37.39 20.04
CA ALA B 341 25.28 -36.88 19.20
C ALA B 341 23.92 -37.49 19.56
N LEU B 342 23.87 -38.82 19.68
CA LEU B 342 22.61 -39.48 20.04
C LEU B 342 22.08 -39.01 21.39
N SER B 343 22.99 -38.78 22.33
CA SER B 343 22.60 -38.30 23.66
C SER B 343 21.97 -36.90 23.53
N ILE B 344 22.60 -36.04 22.74
CA ILE B 344 22.11 -34.69 22.53
C ILE B 344 20.71 -34.72 21.91
N ILE B 345 20.52 -35.58 20.91
CA ILE B 345 19.24 -35.74 20.26
C ILE B 345 18.23 -36.18 21.33
N GLY B 346 18.65 -37.11 22.18
CA GLY B 346 17.80 -37.60 23.25
C GLY B 346 17.38 -36.48 24.18
N ASN B 347 18.33 -35.58 24.50
CA ASN B 347 18.06 -34.45 25.37
C ASN B 347 17.10 -33.47 24.71
N ILE B 348 17.22 -33.32 23.39
CA ILE B 348 16.34 -32.42 22.65
C ILE B 348 14.92 -32.97 22.64
N ASN B 349 14.81 -34.29 22.41
CA ASN B 349 13.51 -34.96 22.37
C ASN B 349 12.73 -34.80 23.67
N THR B 350 13.43 -34.71 24.79
CA THR B 350 12.79 -34.54 26.09
C THR B 350 12.58 -33.05 26.38
N THR B 351 12.94 -32.22 25.42
CA THR B 351 12.82 -30.77 25.54
C THR B 351 13.70 -30.26 26.68
#